data_8DZR
#
_entry.id   8DZR
#
_cell.length_a   1.00
_cell.length_b   1.00
_cell.length_c   1.00
_cell.angle_alpha   90.00
_cell.angle_beta   90.00
_cell.angle_gamma   90.00
#
_symmetry.space_group_name_H-M   'P 1'
#
loop_
_entity.id
_entity.type
_entity.pdbx_description
1 polymer 'Kappa-type opioid receptor'
2 polymer 'G alpha gustducin protein'
3 polymer 'Guanine nucleotide-binding protein G(I)/G(S)/G(T) subunit beta-1'
4 polymer 'Guanine nucleotide-binding protein G(I)/G(S)/G(O) subunit gamma-2'
5 polymer 'ScFv16 protein'
6 non-polymer 'methyl (3R)-4-[(3,4-dichlorophenyl)acetyl]-3-[(pyrrolidin-1-yl)methyl]piperazine-1-carboxylate'
#
loop_
_entity_poly.entity_id
_entity_poly.type
_entity_poly.pdbx_seq_one_letter_code
_entity_poly.pdbx_strand_id
1 'polypeptide(L)'
;GSISPAIPVIITAVYSVVFVVGLVGNSLVMFVIIRYTKMKTATNIYIFNLALADALVTTTMPFQSTVYLMNSWPFGDVLC
KIVLSIDYYNMFTSIFTLTMMSVDRYIAVCHPVKALDFRTPLKAKIINICIWLLSSSVGISAIVLGGTKVREDVDVIECS
LQFPDDDYSWWDLFMKICVFIFAFVIPVLIIIVCYTLMILRLKSVRLLSGSREKDRNLRRITRLVLVVVAVFVVCWTPIH
IFILVEALGSTSHSTAALSSYYFCIALGYTNSSLNPILYAFLDENFK
;
A
2 'polypeptide(L)'
;MGSTVSAEDKAAAERSKMIDKNLREDAERDARTVKLLLLGAGESGKATIVKQMKIIHKNGYSEQECMEFKAVIYSNTLQS
ILAIVKAMTTLGIDYVNPRSAEDQRQLYAMANTLEDGGMTPQLAEVIKRLWRDPGIQACFERASEYQLNDSAAYYLNDLD
RITASGYVPNEQDVLHSRVKTTGIIETQFSFKDLHFRMFDVGAQRSERKKWIHCFEGVTCIIFCAALSAYDMVLVEDEEV
NRMHASLKLFDSICNHKYFSDTSIVLFLNKKDIFQEKVTKVHLSICFPEYTGPNTFEDAGNYIKNQFLDLNLKKEDKEIY
SHMTCSTDTQNVKFVFDAVTDIIIKENLKDCGLF
;
B
3 'polypeptide(L)'
;SELDQLRQEAEQLKNQIRDARKACADATLSQITNNIDPVGRIQMRTRRTLRGHLAKIYAMHWGTDSRLLVSASQDGKLII
WDSYTTNKVHAIPLRSSWVMTCAYAPSGNYVACGGLDNICSIYNLKTREGNVRVSRELAGHTGYLSCCRFLDDNQIVTSS
GDTTCALWDIETGQQTTTFTGHTGDVMSLSLAPDTRLFVSGACDASAKLWDVREGMCRQTFTGHESDINAICFFPNGNAF
ATGSDDATCRLFDLRADQELMTYSHDNIICGITSVSFSKSGRLLLAGYDDFNCNVWDALKADRAGVLAGHDNRVSCLGVT
DDGMAVATGSWDSFLKIWN
;
C
4 'polypeptide(L)' MASNNTASIAQARKLVEQLKMEANIDRIKVSKAAADLMAYCEAHAKEDPLLTPVPASENPFREKKFFCAIL D
5 'polypeptide(L)'
;DVQLVESGGGLVQPGGSRKLSCSASGFAFSSFGMHWVRQAPEKGLEWVAYISSGSGTIYYADTVKGRFTISRDDPKNTLF
LQMTSLRSEDTAMYYCVRSIYYYGSSPFDFWGQGTTLTVSSGGGGSGGGGSGGGGSDIVMTQATSSVPVTPGESVSISCR
SSKSLLHSNGNTYLYWFLQRPGQSPQLLIYRMSNLASGVPDRFSGSGSGTAFTLTISRLEAEDVGVYYCMQHLEYPLTFG
AGTKLELKAAA
;
E
#
# COMPACT_ATOMS: atom_id res chain seq x y z
N PRO A 5 -2.42 -48.09 47.52
CA PRO A 5 -2.44 -47.23 48.70
C PRO A 5 -2.69 -45.79 48.32
N ALA A 6 -3.84 -45.56 47.67
CA ALA A 6 -4.33 -44.26 47.22
C ALA A 6 -3.46 -43.63 46.14
N ILE A 7 -2.48 -44.36 45.59
CA ILE A 7 -1.76 -43.85 44.43
C ILE A 7 -2.66 -43.66 43.20
N PRO A 8 -3.45 -44.64 42.76
CA PRO A 8 -4.13 -44.49 41.46
C PRO A 8 -5.20 -43.41 41.40
N VAL A 9 -5.62 -42.84 42.53
CA VAL A 9 -6.66 -41.81 42.51
C VAL A 9 -6.07 -40.46 42.09
N ILE A 10 -5.06 -40.01 42.83
CA ILE A 10 -4.45 -38.72 42.54
C ILE A 10 -3.72 -38.74 41.20
N ILE A 11 -3.12 -39.87 40.84
CA ILE A 11 -2.28 -39.90 39.64
C ILE A 11 -3.12 -39.96 38.38
N THR A 12 -4.44 -40.19 38.49
CA THR A 12 -5.34 -39.95 37.36
C THR A 12 -6.14 -38.66 37.50
N ALA A 13 -6.31 -38.15 38.72
CA ALA A 13 -6.87 -36.82 38.87
C ALA A 13 -5.95 -35.78 38.24
N VAL A 14 -4.63 -35.99 38.37
CA VAL A 14 -3.69 -35.09 37.72
C VAL A 14 -3.78 -35.20 36.20
N TYR A 15 -4.06 -36.41 35.68
CA TYR A 15 -4.28 -36.54 34.24
C TYR A 15 -5.52 -35.77 33.80
N SER A 16 -6.59 -35.84 34.58
CA SER A 16 -7.80 -35.09 34.26
C SER A 16 -7.52 -33.59 34.27
N VAL A 17 -6.77 -33.12 35.28
CA VAL A 17 -6.41 -31.70 35.38
C VAL A 17 -5.55 -31.29 34.19
N VAL A 18 -4.60 -32.14 33.80
CA VAL A 18 -3.72 -31.84 32.68
C VAL A 18 -4.51 -31.76 31.37
N PHE A 19 -5.44 -32.70 31.16
CA PHE A 19 -6.28 -32.66 29.97
C PHE A 19 -7.14 -31.41 29.92
N VAL A 20 -7.75 -31.04 31.06
CA VAL A 20 -8.59 -29.85 31.09
C VAL A 20 -7.75 -28.60 30.80
N VAL A 21 -6.58 -28.50 31.43
CA VAL A 21 -5.71 -27.33 31.26
C VAL A 21 -5.21 -27.24 29.83
N GLY A 22 -4.80 -28.38 29.25
CA GLY A 22 -4.31 -28.37 27.88
C GLY A 22 -5.39 -28.00 26.87
N LEU A 23 -6.60 -28.56 27.05
CA LEU A 23 -7.70 -28.21 26.16
C LEU A 23 -8.06 -26.73 26.28
N VAL A 24 -8.12 -26.22 27.51
CA VAL A 24 -8.47 -24.81 27.71
C VAL A 24 -7.42 -23.89 27.10
N GLY A 25 -6.15 -24.20 27.32
CA GLY A 25 -5.09 -23.37 26.77
C GLY A 25 -5.02 -23.41 25.26
N ASN A 26 -5.21 -24.59 24.67
CA ASN A 26 -5.16 -24.71 23.22
C ASN A 26 -6.39 -24.09 22.57
N SER A 27 -7.52 -24.07 23.27
CA SER A 27 -8.68 -23.35 22.76
C SER A 27 -8.50 -21.84 22.88
N LEU A 28 -7.86 -21.39 23.96
CA LEU A 28 -7.62 -19.96 24.14
C LEU A 28 -6.63 -19.44 23.11
N VAL A 29 -5.57 -20.19 22.83
CA VAL A 29 -4.60 -19.80 21.82
C VAL A 29 -5.18 -20.10 20.45
N MET A 30 -4.66 -19.38 19.43
CA MET A 30 -5.04 -19.45 18.02
C MET A 30 -6.42 -18.84 17.75
N PHE A 31 -7.12 -18.43 18.82
CA PHE A 31 -8.38 -17.74 18.65
C PHE A 31 -8.18 -16.36 18.03
N VAL A 32 -7.17 -15.63 18.50
CA VAL A 32 -6.84 -14.33 17.91
C VAL A 32 -6.10 -14.46 16.60
N ILE A 33 -5.60 -15.64 16.27
CA ILE A 33 -4.94 -15.86 14.98
C ILE A 33 -5.95 -16.21 13.89
N ILE A 34 -6.92 -17.06 14.22
CA ILE A 34 -7.99 -17.49 13.31
C ILE A 34 -7.42 -18.09 12.02
N LYS A 40 0.91 -13.17 9.95
CA LYS A 40 1.69 -12.17 9.23
C LYS A 40 3.16 -12.22 9.63
N THR A 41 3.43 -12.82 10.79
CA THR A 41 4.78 -12.98 11.31
C THR A 41 5.11 -14.45 11.43
N ALA A 42 6.41 -14.75 11.39
CA ALA A 42 6.87 -16.13 11.52
C ALA A 42 6.55 -16.70 12.90
N THR A 43 6.66 -15.86 13.93
CA THR A 43 6.40 -16.32 15.30
C THR A 43 4.96 -16.77 15.47
N ASN A 44 4.02 -16.07 14.82
CA ASN A 44 2.62 -16.48 14.88
C ASN A 44 2.39 -17.83 14.22
N ILE A 45 3.05 -18.08 13.09
CA ILE A 45 2.92 -19.38 12.41
C ILE A 45 3.48 -20.49 13.29
N TYR A 46 4.65 -20.26 13.89
CA TYR A 46 5.23 -21.26 14.78
C TYR A 46 4.36 -21.48 16.02
N ILE A 47 3.75 -20.42 16.54
CA ILE A 47 2.87 -20.54 17.70
C ILE A 47 1.65 -21.37 17.34
N PHE A 48 1.06 -21.13 16.16
CA PHE A 48 -0.09 -21.92 15.72
C PHE A 48 0.28 -23.39 15.54
N ASN A 49 1.44 -23.66 14.94
CA ASN A 49 1.86 -25.05 14.77
C ASN A 49 2.09 -25.74 16.10
N LEU A 50 2.71 -25.03 17.06
CA LEU A 50 2.92 -25.58 18.39
C LEU A 50 1.59 -25.83 19.09
N ALA A 51 0.62 -24.94 18.88
CA ALA A 51 -0.71 -25.12 19.44
C ALA A 51 -1.38 -26.37 18.91
N LEU A 52 -1.29 -26.58 17.59
CA LEU A 52 -1.87 -27.79 16.99
C LEU A 52 -1.19 -29.05 17.53
N ALA A 53 0.14 -29.03 17.63
CA ALA A 53 0.86 -30.18 18.16
C ALA A 53 0.48 -30.46 19.60
N ASP A 54 0.39 -29.41 20.42
CA ASP A 54 0.03 -29.58 21.82
C ASP A 54 -1.39 -30.11 21.97
N ALA A 55 -2.31 -29.64 21.13
CA ALA A 55 -3.69 -30.11 21.19
C ALA A 55 -3.78 -31.60 20.84
N LEU A 56 -3.14 -32.01 19.74
CA LEU A 56 -3.21 -33.42 19.38
C LEU A 56 -2.35 -34.31 20.27
N VAL A 57 -1.42 -33.77 21.05
CA VAL A 57 -0.79 -34.57 22.10
C VAL A 57 -1.72 -34.72 23.29
N THR A 58 -2.28 -33.60 23.76
CA THR A 58 -3.11 -33.60 24.97
C THR A 58 -4.44 -34.31 24.77
N THR A 59 -4.87 -34.51 23.53
CA THR A 59 -6.11 -35.26 23.30
C THR A 59 -5.98 -36.74 23.62
N THR A 60 -4.77 -37.24 23.83
CA THR A 60 -4.54 -38.67 24.08
C THR A 60 -4.52 -38.97 25.58
N MET A 61 -5.56 -38.55 26.29
CA MET A 61 -5.75 -38.98 27.67
C MET A 61 -6.32 -40.39 27.81
N PRO A 62 -7.49 -40.71 27.23
CA PRO A 62 -8.15 -41.98 27.58
C PRO A 62 -7.34 -43.21 27.21
N PHE A 63 -6.61 -43.18 26.09
CA PHE A 63 -5.92 -44.36 25.59
C PHE A 63 -4.75 -44.79 26.46
N GLN A 64 -4.37 -43.99 27.44
CA GLN A 64 -3.41 -44.40 28.46
C GLN A 64 -3.99 -44.40 29.88
N SER A 65 -4.94 -43.50 30.16
CA SER A 65 -5.58 -43.52 31.48
C SER A 65 -6.36 -44.80 31.69
N THR A 66 -7.08 -45.26 30.66
CA THR A 66 -7.80 -46.53 30.77
C THR A 66 -6.83 -47.70 30.82
N VAL A 67 -5.69 -47.60 30.13
CA VAL A 67 -4.70 -48.67 30.17
C VAL A 67 -4.14 -48.82 31.58
N TYR A 68 -3.83 -47.70 32.23
CA TYR A 68 -3.36 -47.78 33.60
C TYR A 68 -4.47 -48.13 34.58
N LEU A 69 -5.72 -47.84 34.21
CA LEU A 69 -6.84 -48.20 35.07
C LEU A 69 -7.07 -49.71 35.08
N MET A 70 -7.37 -50.28 33.91
CA MET A 70 -7.51 -51.71 33.74
C MET A 70 -6.36 -52.22 32.89
N ASN A 71 -5.59 -53.17 33.43
CA ASN A 71 -4.35 -53.59 32.78
C ASN A 71 -4.63 -54.42 31.55
N SER A 72 -5.09 -53.76 30.48
CA SER A 72 -5.39 -54.41 29.21
C SER A 72 -5.45 -53.34 28.14
N TRP A 73 -5.94 -53.71 26.97
CA TRP A 73 -6.15 -52.79 25.85
C TRP A 73 -7.60 -52.93 25.40
N PRO A 74 -8.53 -52.30 26.12
CA PRO A 74 -9.95 -52.48 25.76
C PRO A 74 -10.39 -51.59 24.62
N PHE A 75 -9.56 -51.50 23.58
CA PHE A 75 -9.90 -50.77 22.36
C PHE A 75 -9.46 -51.62 21.17
N GLY A 76 -10.00 -51.29 20.01
CA GLY A 76 -9.70 -52.05 18.81
C GLY A 76 -8.27 -51.87 18.36
N ASP A 77 -7.85 -52.77 17.46
CA ASP A 77 -6.49 -52.72 16.93
C ASP A 77 -6.29 -51.62 15.91
N VAL A 78 -7.35 -50.98 15.45
CA VAL A 78 -7.19 -49.74 14.69
C VAL A 78 -6.68 -48.63 15.59
N LEU A 79 -7.15 -48.62 16.85
CA LEU A 79 -6.67 -47.64 17.82
C LEU A 79 -5.19 -47.84 18.12
N CYS A 80 -4.77 -49.09 18.34
CA CYS A 80 -3.38 -49.41 18.66
C CYS A 80 -2.42 -49.14 17.50
N LYS A 81 -2.91 -48.61 16.39
CA LYS A 81 -2.05 -48.10 15.33
C LYS A 81 -2.22 -46.60 15.14
N ILE A 82 -3.48 -46.13 15.03
CA ILE A 82 -3.72 -44.71 14.75
C ILE A 82 -3.29 -43.84 15.92
N VAL A 83 -3.60 -44.26 17.15
CA VAL A 83 -3.26 -43.46 18.33
C VAL A 83 -1.75 -43.34 18.48
N LEU A 84 -1.03 -44.44 18.26
CA LEU A 84 0.43 -44.41 18.38
C LEU A 84 1.06 -43.57 17.27
N SER A 85 0.52 -43.65 16.05
CA SER A 85 1.02 -42.80 14.98
C SER A 85 0.81 -41.32 15.31
N ILE A 86 -0.37 -40.98 15.83
CA ILE A 86 -0.66 -39.60 16.24
C ILE A 86 0.31 -39.17 17.34
N ASP A 87 0.56 -40.04 18.31
CA ASP A 87 1.44 -39.73 19.42
C ASP A 87 2.85 -39.39 18.94
N TYR A 88 3.44 -40.28 18.14
CA TYR A 88 4.81 -40.04 17.66
C TYR A 88 4.87 -38.81 16.76
N TYR A 89 3.90 -38.68 15.85
CA TYR A 89 3.85 -37.57 14.92
C TYR A 89 3.82 -36.23 15.65
N ASN A 90 2.89 -36.09 16.60
CA ASN A 90 2.73 -34.81 17.27
C ASN A 90 3.84 -34.52 18.27
N MET A 91 4.42 -35.56 18.89
CA MET A 91 5.57 -35.34 19.76
C MET A 91 6.75 -34.77 18.97
N PHE A 92 7.07 -35.39 17.83
CA PHE A 92 8.16 -34.87 17.00
C PHE A 92 7.84 -33.49 16.47
N THR A 93 6.58 -33.24 16.10
CA THR A 93 6.19 -31.93 15.57
C THR A 93 6.41 -30.84 16.62
N SER A 94 5.95 -31.07 17.85
CA SER A 94 6.10 -30.07 18.91
C SER A 94 7.58 -29.82 19.22
N ILE A 95 8.38 -30.89 19.30
CA ILE A 95 9.79 -30.73 19.63
C ILE A 95 10.51 -29.92 18.56
N PHE A 96 10.27 -30.26 17.30
CA PHE A 96 10.96 -29.53 16.22
C PHE A 96 10.44 -28.11 16.08
N THR A 97 9.17 -27.86 16.42
CA THR A 97 8.67 -26.49 16.38
C THR A 97 9.32 -25.62 17.45
N LEU A 98 9.53 -26.18 18.66
CA LEU A 98 10.28 -25.46 19.68
C LEU A 98 11.71 -25.16 19.21
N THR A 99 12.35 -26.15 18.59
CA THR A 99 13.70 -25.96 18.06
C THR A 99 13.75 -24.85 17.01
N MET A 100 12.78 -24.83 16.10
CA MET A 100 12.76 -23.81 15.07
C MET A 100 12.44 -22.43 15.64
N MET A 101 11.64 -22.35 16.69
CA MET A 101 11.43 -21.07 17.35
C MET A 101 12.72 -20.54 17.96
N SER A 102 13.51 -21.43 18.57
CA SER A 102 14.80 -21.01 19.11
C SER A 102 15.74 -20.51 18.02
N VAL A 103 15.80 -21.24 16.90
CA VAL A 103 16.68 -20.82 15.80
C VAL A 103 16.20 -19.51 15.21
N ASP A 104 14.89 -19.31 15.12
CA ASP A 104 14.33 -18.05 14.62
C ASP A 104 14.73 -16.88 15.52
N ARG A 105 14.65 -17.06 16.83
CA ARG A 105 15.08 -16.00 17.74
C ARG A 105 16.57 -15.71 17.61
N TYR A 106 17.38 -16.77 17.48
CA TYR A 106 18.82 -16.57 17.32
C TYR A 106 19.14 -15.81 16.04
N ILE A 107 18.46 -16.12 14.94
CA ILE A 107 18.69 -15.38 13.70
C ILE A 107 18.22 -13.95 13.84
N ALA A 108 17.08 -13.73 14.51
CA ALA A 108 16.56 -12.37 14.68
C ALA A 108 17.48 -11.50 15.52
N VAL A 109 18.23 -12.09 16.44
CA VAL A 109 19.08 -11.26 17.28
C VAL A 109 20.52 -11.22 16.77
N CYS A 110 21.18 -12.37 16.69
CA CYS A 110 22.61 -12.40 16.41
C CYS A 110 22.96 -12.14 14.95
N HIS A 111 22.01 -12.30 14.03
CA HIS A 111 22.23 -12.04 12.60
C HIS A 111 21.14 -11.09 12.12
N PRO A 112 21.19 -9.83 12.51
CA PRO A 112 20.04 -8.94 12.31
C PRO A 112 19.86 -8.48 10.87
N VAL A 113 20.95 -8.34 10.13
CA VAL A 113 20.87 -7.80 8.77
C VAL A 113 20.21 -8.82 7.83
N LYS A 114 20.53 -10.11 7.98
CA LYS A 114 19.98 -11.14 7.11
C LYS A 114 18.74 -11.80 7.67
N ALA A 115 18.38 -11.52 8.93
CA ALA A 115 17.09 -11.96 9.44
C ALA A 115 15.94 -11.22 8.77
N LEU A 116 16.22 -10.08 8.12
CA LEU A 116 15.20 -9.38 7.36
C LEU A 116 14.73 -10.22 6.18
N ASP A 117 15.63 -10.96 5.54
CA ASP A 117 15.32 -11.81 4.40
C ASP A 117 15.01 -13.24 4.79
N PHE A 118 15.68 -13.77 5.82
CA PHE A 118 15.46 -15.17 6.18
C PHE A 118 14.13 -15.37 6.89
N ARG A 119 13.74 -14.45 7.75
CA ARG A 119 12.51 -14.59 8.53
C ARG A 119 11.29 -14.10 7.76
N THR A 120 11.14 -14.59 6.55
CA THR A 120 9.95 -14.39 5.74
C THR A 120 8.86 -15.37 6.17
N PRO A 121 7.60 -14.94 6.19
CA PRO A 121 6.52 -15.90 6.48
C PRO A 121 6.46 -17.07 5.50
N LEU A 122 6.84 -16.86 4.24
CA LEU A 122 6.92 -17.97 3.30
C LEU A 122 7.99 -18.97 3.72
N LYS A 123 9.15 -18.47 4.15
CA LYS A 123 10.20 -19.36 4.64
C LYS A 123 9.77 -20.10 5.90
N ALA A 124 9.05 -19.41 6.79
CA ALA A 124 8.54 -20.07 7.99
C ALA A 124 7.54 -21.17 7.64
N LYS A 125 6.66 -20.91 6.66
CA LYS A 125 5.72 -21.92 6.22
C LYS A 125 6.44 -23.12 5.61
N ILE A 126 7.50 -22.86 4.82
CA ILE A 126 8.27 -23.95 4.21
C ILE A 126 8.93 -24.79 5.30
N ILE A 127 9.52 -24.15 6.31
CA ILE A 127 10.16 -24.88 7.40
C ILE A 127 9.14 -25.69 8.18
N ASN A 128 7.95 -25.11 8.42
CA ASN A 128 6.90 -25.84 9.13
C ASN A 128 6.44 -27.05 8.34
N ILE A 129 6.30 -26.91 7.02
CA ILE A 129 5.90 -28.04 6.18
C ILE A 129 6.97 -29.13 6.19
N CYS A 130 8.24 -28.73 6.17
CA CYS A 130 9.32 -29.72 6.26
C CYS A 130 9.30 -30.44 7.60
N ILE A 131 8.98 -29.71 8.68
CA ILE A 131 8.83 -30.34 9.99
C ILE A 131 7.67 -31.34 9.98
N TRP A 132 6.57 -30.96 9.32
CA TRP A 132 5.44 -31.87 9.17
C TRP A 132 5.85 -33.14 8.44
N LEU A 133 6.68 -33.01 7.40
CA LEU A 133 7.11 -34.20 6.65
C LEU A 133 8.05 -35.08 7.47
N LEU A 134 9.00 -34.48 8.18
CA LEU A 134 9.90 -35.28 9.00
C LEU A 134 9.21 -35.88 10.22
N SER A 135 8.05 -35.34 10.62
CA SER A 135 7.25 -36.05 11.61
C SER A 135 6.35 -37.10 10.98
N SER A 136 5.93 -36.88 9.73
CA SER A 136 5.14 -37.89 9.02
C SER A 136 5.94 -39.13 8.72
N SER A 137 7.26 -38.99 8.57
CA SER A 137 8.12 -40.17 8.43
C SER A 137 8.03 -41.06 9.67
N VAL A 138 8.12 -40.45 10.85
CA VAL A 138 7.98 -41.20 12.09
C VAL A 138 6.57 -41.75 12.25
N GLY A 139 5.56 -40.98 11.79
CA GLY A 139 4.20 -41.48 11.81
C GLY A 139 4.00 -42.71 10.95
N ILE A 140 4.62 -42.73 9.76
CA ILE A 140 4.55 -43.90 8.89
C ILE A 140 5.28 -45.08 9.52
N SER A 141 6.45 -44.82 10.12
CA SER A 141 7.17 -45.89 10.81
C SER A 141 6.37 -46.46 11.96
N ALA A 142 5.56 -45.63 12.63
CA ALA A 142 4.72 -46.12 13.71
C ALA A 142 3.51 -46.88 13.17
N ILE A 143 2.91 -46.40 12.08
CA ILE A 143 1.69 -47.03 11.57
C ILE A 143 2.02 -48.38 10.94
N VAL A 144 3.24 -48.56 10.45
CA VAL A 144 3.62 -49.85 9.85
C VAL A 144 3.75 -50.93 10.92
N LEU A 145 4.43 -50.62 12.02
CA LEU A 145 4.75 -51.61 13.04
C LEU A 145 3.72 -51.68 14.16
N GLY A 146 2.62 -50.93 14.06
CA GLY A 146 1.61 -50.96 15.10
C GLY A 146 0.86 -52.28 15.18
N GLY A 147 1.09 -53.04 16.25
CA GLY A 147 0.45 -54.33 16.42
C GLY A 147 0.39 -54.82 17.85
N THR A 148 -0.78 -55.29 18.28
CA THR A 148 -0.96 -55.75 19.65
C THR A 148 -0.28 -57.11 19.85
N LYS A 149 -0.10 -57.46 21.12
CA LYS A 149 0.47 -58.75 21.52
C LYS A 149 -0.38 -59.35 22.62
N VAL A 150 0.01 -60.54 23.07
CA VAL A 150 -0.68 -61.21 24.17
C VAL A 150 0.30 -61.53 25.28
N VAL A 156 -1.18 -59.57 29.48
CA VAL A 156 -2.54 -59.36 29.00
C VAL A 156 -2.52 -58.70 27.63
N ILE A 157 -3.50 -57.84 27.38
CA ILE A 157 -3.60 -57.12 26.10
C ILE A 157 -2.73 -55.87 26.22
N GLU A 158 -1.50 -55.97 25.71
CA GLU A 158 -0.53 -54.88 25.80
C GLU A 158 -0.36 -54.26 24.42
N CYS A 159 -0.68 -52.97 24.32
CA CYS A 159 -0.62 -52.25 23.05
C CYS A 159 0.76 -51.63 22.89
N SER A 160 1.56 -52.20 22.00
CA SER A 160 2.92 -51.73 21.76
C SER A 160 3.29 -52.00 20.32
N LEU A 161 4.59 -51.96 20.02
CA LEU A 161 5.12 -52.26 18.70
C LEU A 161 5.79 -53.62 18.71
N GLN A 162 5.55 -54.41 17.67
CA GLN A 162 6.15 -55.72 17.56
C GLN A 162 7.19 -55.77 16.43
N TRP A 170 16.77 -56.44 18.10
CA TRP A 170 17.49 -55.22 18.45
C TRP A 170 16.83 -54.01 17.82
N TRP A 171 15.76 -54.24 17.05
CA TRP A 171 15.09 -53.15 16.35
C TRP A 171 14.39 -52.20 17.32
N ASP A 172 13.87 -52.72 18.44
CA ASP A 172 13.29 -51.85 19.46
C ASP A 172 14.35 -50.97 20.09
N LEU A 173 15.53 -51.53 20.39
CA LEU A 173 16.62 -50.75 20.97
C LEU A 173 17.10 -49.69 20.00
N PHE A 174 17.22 -50.03 18.71
CA PHE A 174 17.63 -49.05 17.72
C PHE A 174 16.60 -47.94 17.56
N MET A 175 15.31 -48.30 17.61
CA MET A 175 14.26 -47.29 17.50
C MET A 175 14.30 -46.34 18.70
N LYS A 176 14.50 -46.88 19.91
CA LYS A 176 14.57 -46.03 21.09
C LYS A 176 15.81 -45.14 21.06
N ILE A 177 16.93 -45.66 20.59
CA ILE A 177 18.14 -44.85 20.46
C ILE A 177 17.92 -43.73 19.45
N CYS A 178 17.27 -44.05 18.33
CA CYS A 178 17.02 -43.05 17.29
C CYS A 178 16.07 -41.97 17.77
N VAL A 179 15.01 -42.34 18.49
CA VAL A 179 14.06 -41.34 18.96
C VAL A 179 14.69 -40.48 20.06
N PHE A 180 15.56 -41.06 20.88
CA PHE A 180 16.29 -40.25 21.86
C PHE A 180 17.25 -39.29 21.18
N ILE A 181 17.91 -39.72 20.12
CA ILE A 181 18.92 -38.88 19.47
C ILE A 181 18.25 -37.75 18.70
N PHE A 182 17.20 -38.06 17.94
CA PHE A 182 16.53 -37.07 17.11
C PHE A 182 15.32 -36.44 17.80
N ALA A 183 15.13 -36.66 19.09
CA ALA A 183 13.99 -36.09 19.79
C ALA A 183 14.32 -35.38 21.08
N PHE A 184 15.47 -35.67 21.72
CA PHE A 184 15.83 -34.96 22.93
C PHE A 184 17.16 -34.21 22.81
N VAL A 185 18.26 -34.87 22.44
CA VAL A 185 19.57 -34.28 22.65
C VAL A 185 19.87 -33.18 21.63
N ILE A 186 19.57 -33.40 20.36
CA ILE A 186 19.79 -32.38 19.34
C ILE A 186 18.89 -31.17 19.57
N PRO A 187 17.57 -31.32 19.81
CA PRO A 187 16.77 -30.13 20.14
C PRO A 187 17.24 -29.40 21.40
N VAL A 188 17.59 -30.11 22.47
CA VAL A 188 18.00 -29.40 23.68
C VAL A 188 19.35 -28.71 23.48
N LEU A 189 20.25 -29.31 22.70
CA LEU A 189 21.53 -28.66 22.40
C LEU A 189 21.31 -27.39 21.58
N ILE A 190 20.40 -27.44 20.61
CA ILE A 190 20.10 -26.26 19.81
C ILE A 190 19.46 -25.18 20.68
N ILE A 191 18.55 -25.56 21.58
CA ILE A 191 17.93 -24.62 22.51
C ILE A 191 18.99 -23.91 23.33
N ILE A 192 19.89 -24.68 23.94
CA ILE A 192 20.93 -24.12 24.81
C ILE A 192 21.82 -23.17 24.04
N VAL A 193 22.34 -23.62 22.88
CA VAL A 193 23.32 -22.83 22.14
C VAL A 193 22.68 -21.54 21.61
N CYS A 194 21.52 -21.65 20.98
CA CYS A 194 20.87 -20.48 20.39
C CYS A 194 20.50 -19.46 21.46
N TYR A 195 19.95 -19.90 22.58
CA TYR A 195 19.57 -18.95 23.61
C TYR A 195 20.78 -18.35 24.33
N THR A 196 21.86 -19.11 24.54
CA THR A 196 23.00 -18.49 25.21
C THR A 196 23.70 -17.48 24.29
N LEU A 197 23.74 -17.75 22.98
CA LEU A 197 24.32 -16.75 22.08
C LEU A 197 23.41 -15.53 21.95
N MET A 198 22.09 -15.74 21.98
CA MET A 198 21.17 -14.60 21.95
C MET A 198 21.32 -13.73 23.19
N ILE A 199 21.44 -14.34 24.36
CA ILE A 199 21.59 -13.57 25.59
C ILE A 199 22.94 -12.86 25.63
N LEU A 200 24.00 -13.54 25.19
CA LEU A 200 25.31 -12.90 25.17
C LEU A 200 25.36 -11.74 24.18
N ARG A 201 24.60 -11.81 23.09
CA ARG A 201 24.54 -10.68 22.18
C ARG A 201 23.70 -9.54 22.76
N LEU A 202 22.57 -9.85 23.40
CA LEU A 202 21.74 -8.80 23.97
C LEU A 202 22.35 -8.18 25.21
N LYS A 203 23.35 -8.81 25.81
CA LYS A 203 24.05 -8.16 26.92
C LYS A 203 24.99 -7.06 26.44
N SER A 204 25.62 -7.24 25.28
CA SER A 204 26.57 -6.27 24.76
C SER A 204 25.94 -5.22 23.87
N VAL A 205 24.65 -5.34 23.58
CA VAL A 205 23.97 -4.39 22.69
C VAL A 205 23.64 -3.12 23.48
N ARG A 206 23.58 -2.00 22.77
CA ARG A 206 23.14 -0.75 23.38
C ARG A 206 21.62 -0.79 23.60
N LEU A 207 21.12 0.28 24.22
CA LEU A 207 19.72 0.48 24.63
C LEU A 207 19.30 -0.47 25.75
N LEU A 208 20.18 -1.39 26.13
CA LEU A 208 19.97 -2.30 27.26
C LEU A 208 21.23 -2.42 28.09
N SER A 209 21.88 -1.29 28.35
CA SER A 209 23.11 -1.28 29.13
C SER A 209 23.24 0.06 29.84
N GLY A 210 23.30 0.02 31.17
CA GLY A 210 23.48 1.23 31.96
C GLY A 210 22.19 1.97 32.24
N SER A 211 21.14 1.24 32.60
CA SER A 211 19.85 1.85 32.94
C SER A 211 19.11 0.93 33.90
N ARG A 212 17.86 1.29 34.20
CA ARG A 212 17.02 0.53 35.10
C ARG A 212 15.94 -0.26 34.38
N GLU A 213 15.11 0.41 33.57
CA GLU A 213 14.04 -0.29 32.85
C GLU A 213 14.61 -1.19 31.77
N LYS A 214 15.68 -0.75 31.09
CA LYS A 214 16.32 -1.58 30.08
C LYS A 214 16.93 -2.83 30.69
N ASP A 215 17.59 -2.69 31.84
CA ASP A 215 18.13 -3.85 32.53
C ASP A 215 17.01 -4.75 33.05
N ARG A 216 15.89 -4.16 33.45
CA ARG A 216 14.73 -4.96 33.85
C ARG A 216 14.20 -5.78 32.69
N ASN A 217 14.15 -5.19 31.49
CA ASN A 217 13.70 -5.93 30.31
C ASN A 217 14.69 -7.04 29.94
N LEU A 218 15.98 -6.76 30.05
CA LEU A 218 16.98 -7.79 29.80
C LEU A 218 16.86 -8.95 30.78
N ARG A 219 16.65 -8.62 32.07
CA ARG A 219 16.47 -9.66 33.08
C ARG A 219 15.17 -10.44 32.85
N ARG A 220 14.11 -9.77 32.37
CA ARG A 220 12.88 -10.46 32.03
C ARG A 220 13.10 -11.45 30.90
N ILE A 221 13.85 -11.03 29.87
CA ILE A 221 14.17 -11.92 28.76
C ILE A 221 14.96 -13.12 29.25
N THR A 222 15.96 -12.88 30.09
CA THR A 222 16.78 -13.97 30.62
C THR A 222 15.95 -14.92 31.46
N ARG A 223 15.04 -14.38 32.29
CA ARG A 223 14.18 -15.22 33.11
C ARG A 223 13.26 -16.09 32.26
N LEU A 224 12.65 -15.50 31.22
CA LEU A 224 11.77 -16.28 30.36
C LEU A 224 12.53 -17.38 29.63
N VAL A 225 13.74 -17.06 29.14
CA VAL A 225 14.54 -18.06 28.44
C VAL A 225 14.92 -19.21 29.37
N LEU A 226 15.44 -18.90 30.56
CA LEU A 226 15.80 -19.97 31.49
C LEU A 226 14.58 -20.76 31.95
N VAL A 227 13.42 -20.11 32.07
CA VAL A 227 12.20 -20.82 32.42
C VAL A 227 11.84 -21.84 31.35
N VAL A 228 11.88 -21.44 30.08
CA VAL A 228 11.44 -22.36 29.04
C VAL A 228 12.44 -23.51 28.86
N VAL A 229 13.75 -23.23 28.95
CA VAL A 229 14.72 -24.32 28.85
C VAL A 229 14.61 -25.25 30.04
N ALA A 230 14.46 -24.70 31.26
CA ALA A 230 14.35 -25.52 32.45
C ALA A 230 13.11 -26.40 32.42
N VAL A 231 11.97 -25.84 32.01
CA VAL A 231 10.75 -26.65 31.98
C VAL A 231 10.86 -27.73 30.91
N PHE A 232 11.49 -27.41 29.77
CA PHE A 232 11.69 -28.43 28.74
C PHE A 232 12.54 -29.57 29.27
N VAL A 233 13.67 -29.27 29.92
CA VAL A 233 14.55 -30.36 30.35
C VAL A 233 13.92 -31.15 31.49
N VAL A 234 13.37 -30.47 32.51
CA VAL A 234 12.85 -31.20 33.67
C VAL A 234 11.52 -31.85 33.39
N CYS A 235 10.88 -31.53 32.27
CA CYS A 235 9.55 -32.04 31.99
C CYS A 235 9.52 -32.89 30.72
N TRP A 236 10.64 -33.05 30.03
CA TRP A 236 10.80 -34.03 28.98
C TRP A 236 11.91 -35.05 29.25
N THR A 237 12.73 -34.84 30.29
CA THR A 237 13.85 -35.74 30.57
C THR A 237 13.45 -37.05 31.27
N PRO A 238 12.65 -37.05 32.35
CA PRO A 238 12.40 -38.32 33.06
C PRO A 238 11.72 -39.38 32.22
N ILE A 239 10.84 -38.99 31.29
CA ILE A 239 10.18 -39.99 30.45
C ILE A 239 11.19 -40.65 29.51
N HIS A 240 12.08 -39.86 28.90
CA HIS A 240 13.10 -40.43 28.02
C HIS A 240 14.06 -41.30 28.82
N ILE A 241 14.43 -40.86 30.01
CA ILE A 241 15.34 -41.64 30.85
C ILE A 241 14.68 -42.95 31.26
N PHE A 242 13.39 -42.91 31.58
CA PHE A 242 12.68 -44.13 31.98
C PHE A 242 12.57 -45.11 30.82
N ILE A 243 12.27 -44.61 29.62
CA ILE A 243 12.20 -45.50 28.47
C ILE A 243 13.57 -46.11 28.17
N LEU A 244 14.62 -45.30 28.25
CA LEU A 244 15.96 -45.83 27.96
C LEU A 244 16.48 -46.75 29.06
N VAL A 245 15.97 -46.65 30.30
CA VAL A 245 16.43 -47.59 31.32
C VAL A 245 15.57 -48.85 31.32
N GLU A 246 14.29 -48.75 30.93
CA GLU A 246 13.50 -49.94 30.70
C GLU A 246 14.02 -50.74 29.52
N ALA A 247 14.59 -50.05 28.53
CA ALA A 247 15.31 -50.73 27.46
C ALA A 247 16.68 -51.16 27.96
N LEU A 248 17.41 -51.90 27.13
CA LEU A 248 18.74 -52.37 27.48
C LEU A 248 19.75 -51.22 27.45
N ALA A 256 4.35 -49.34 43.96
CA ALA A 256 5.77 -49.11 43.73
C ALA A 256 6.17 -49.59 42.33
N ALA A 257 5.23 -50.21 41.63
CA ALA A 257 5.45 -50.72 40.27
C ALA A 257 4.71 -49.85 39.28
N LEU A 258 5.44 -49.36 38.27
CA LEU A 258 4.92 -48.63 37.11
C LEU A 258 4.35 -47.25 37.47
N SER A 259 4.32 -46.92 38.76
CA SER A 259 3.86 -45.60 39.18
C SER A 259 4.80 -44.52 38.67
N SER A 260 6.11 -44.77 38.72
CA SER A 260 7.08 -43.82 38.19
C SER A 260 6.95 -43.69 36.67
N TYR A 261 6.65 -44.78 35.97
CA TYR A 261 6.43 -44.70 34.53
C TYR A 261 5.22 -43.84 34.20
N TYR A 262 4.12 -44.05 34.93
CA TYR A 262 2.92 -43.28 34.67
C TYR A 262 3.10 -41.82 35.07
N PHE A 263 3.93 -41.55 36.08
CA PHE A 263 4.26 -40.17 36.43
C PHE A 263 5.14 -39.52 35.37
N CYS A 264 6.07 -40.29 34.78
CA CYS A 264 6.86 -39.76 33.67
C CYS A 264 5.97 -39.41 32.48
N ILE A 265 4.97 -40.25 32.21
CA ILE A 265 4.00 -39.93 31.17
C ILE A 265 3.20 -38.69 31.56
N ALA A 266 2.92 -38.53 32.85
CA ALA A 266 2.22 -37.33 33.32
C ALA A 266 3.01 -36.07 33.02
N LEU A 267 4.32 -36.06 33.32
CA LEU A 267 5.15 -34.90 32.97
C LEU A 267 5.24 -34.73 31.45
N GLY A 268 5.30 -35.83 30.71
CA GLY A 268 5.29 -35.72 29.25
C GLY A 268 4.05 -35.03 28.73
N TYR A 269 2.91 -35.24 29.40
CA TYR A 269 1.70 -34.51 29.03
C TYR A 269 1.73 -33.06 29.52
N THR A 270 2.30 -32.82 30.70
CA THR A 270 2.35 -31.45 31.23
C THR A 270 3.19 -30.55 30.35
N ASN A 271 4.20 -31.09 29.68
CA ASN A 271 5.01 -30.27 28.78
C ASN A 271 4.16 -29.71 27.64
N SER A 272 3.38 -30.57 26.99
CA SER A 272 2.50 -30.12 25.92
C SER A 272 1.38 -29.25 26.46
N SER A 273 0.99 -29.45 27.73
CA SER A 273 0.00 -28.58 28.34
C SER A 273 0.56 -27.18 28.56
N LEU A 274 1.81 -27.08 29.01
CA LEU A 274 2.39 -25.82 29.46
C LEU A 274 3.05 -25.00 28.37
N ASN A 275 3.50 -25.63 27.28
CA ASN A 275 4.14 -24.87 26.20
C ASN A 275 3.26 -23.77 25.60
N PRO A 276 1.96 -23.97 25.32
CA PRO A 276 1.16 -22.85 24.79
C PRO A 276 1.09 -21.66 25.72
N ILE A 277 1.05 -21.85 27.04
CA ILE A 277 1.06 -20.71 27.95
C ILE A 277 2.35 -19.93 27.81
N LEU A 278 3.50 -20.61 27.89
CA LEU A 278 4.79 -19.94 27.85
C LEU A 278 5.09 -19.32 26.50
N TYR A 279 4.44 -19.76 25.43
CA TYR A 279 4.69 -19.20 24.11
C TYR A 279 3.58 -18.28 23.60
N ALA A 280 2.47 -18.17 24.31
CA ALA A 280 1.43 -17.24 23.91
C ALA A 280 1.13 -16.17 24.96
N PHE A 281 0.91 -16.56 26.22
CA PHE A 281 0.53 -15.59 27.23
C PHE A 281 1.70 -14.72 27.66
N LEU A 282 2.93 -15.24 27.55
CA LEU A 282 4.12 -14.50 27.91
C LEU A 282 4.75 -13.78 26.73
N ASP A 283 4.12 -13.84 25.55
CA ASP A 283 4.57 -13.11 24.38
C ASP A 283 3.75 -11.81 24.26
N GLU A 284 4.46 -10.69 24.08
CA GLU A 284 3.79 -9.39 24.07
C GLU A 284 2.91 -9.19 22.84
N ASN A 285 3.16 -9.91 21.76
CA ASN A 285 2.35 -9.80 20.55
C ASN A 285 1.09 -10.66 20.59
N PHE A 286 0.68 -11.11 21.76
CA PHE A 286 -0.53 -11.91 21.91
C PHE A 286 -1.27 -11.54 23.18
N VAL B 5 -18.17 -13.95 -14.76
CA VAL B 5 -17.10 -13.00 -15.02
C VAL B 5 -16.69 -13.09 -16.50
N SER B 6 -16.44 -11.93 -17.12
CA SER B 6 -16.11 -11.88 -18.53
C SER B 6 -14.64 -12.26 -18.75
N ALA B 7 -14.33 -12.58 -20.00
CA ALA B 7 -12.94 -12.90 -20.36
C ALA B 7 -12.04 -11.69 -20.19
N GLU B 8 -12.52 -10.50 -20.58
CA GLU B 8 -11.74 -9.29 -20.40
C GLU B 8 -11.53 -8.99 -18.92
N ASP B 9 -12.56 -9.21 -18.09
CA ASP B 9 -12.41 -9.00 -16.66
C ASP B 9 -11.45 -10.01 -16.04
N LYS B 10 -11.47 -11.25 -16.52
CA LYS B 10 -10.52 -12.25 -16.04
C LYS B 10 -9.09 -11.86 -16.40
N ALA B 11 -8.88 -11.37 -17.62
CA ALA B 11 -7.54 -10.93 -18.01
C ALA B 11 -7.12 -9.68 -17.24
N ALA B 12 -8.07 -8.80 -16.91
CA ALA B 12 -7.76 -7.65 -16.06
C ALA B 12 -7.36 -8.09 -14.66
N ALA B 13 -8.04 -9.09 -14.12
CA ALA B 13 -7.66 -9.64 -12.81
C ALA B 13 -6.28 -10.28 -12.86
N GLU B 14 -5.97 -10.95 -13.97
CA GLU B 14 -4.62 -11.51 -14.13
C GLU B 14 -3.57 -10.42 -14.20
N ARG B 15 -3.87 -9.32 -14.90
CA ARG B 15 -2.97 -8.17 -14.92
C ARG B 15 -2.77 -7.60 -13.53
N SER B 16 -3.85 -7.51 -12.75
CA SER B 16 -3.74 -7.03 -11.37
C SER B 16 -2.88 -7.95 -10.53
N LYS B 17 -3.00 -9.27 -10.73
CA LYS B 17 -2.13 -10.21 -10.03
C LYS B 17 -0.67 -10.04 -10.43
N MET B 18 -0.42 -9.74 -11.71
CA MET B 18 0.95 -9.46 -12.14
C MET B 18 1.50 -8.20 -11.47
N ILE B 19 0.67 -7.16 -11.36
CA ILE B 19 1.07 -5.96 -10.62
C ILE B 19 1.33 -6.29 -9.16
N ASP B 20 0.54 -7.20 -8.58
CA ASP B 20 0.77 -7.65 -7.22
C ASP B 20 2.13 -8.31 -7.09
N LYS B 21 2.49 -9.16 -8.06
CA LYS B 21 3.78 -9.83 -8.04
C LYS B 21 4.92 -8.84 -8.14
N ASN B 22 4.78 -7.83 -9.03
CA ASN B 22 5.83 -6.82 -9.16
C ASN B 22 5.95 -5.98 -7.88
N LEU B 23 4.83 -5.65 -7.25
CA LEU B 23 4.87 -4.92 -5.99
C LEU B 23 5.57 -5.73 -4.90
N ARG B 24 5.26 -7.04 -4.83
CA ARG B 24 5.88 -7.90 -3.83
C ARG B 24 7.38 -8.02 -4.06
N GLU B 25 7.81 -8.18 -5.32
CA GLU B 25 9.25 -8.32 -5.56
C GLU B 25 9.97 -7.00 -5.35
N ASP B 26 9.33 -5.87 -5.64
CA ASP B 26 9.93 -4.57 -5.34
C ASP B 26 10.08 -4.38 -3.84
N ALA B 27 9.07 -4.80 -3.06
CA ALA B 27 9.18 -4.72 -1.60
C ALA B 27 10.29 -5.61 -1.08
N GLU B 28 10.42 -6.82 -1.64
CA GLU B 28 11.49 -7.72 -1.22
C GLU B 28 12.87 -7.14 -1.55
N ARG B 29 12.99 -6.48 -2.70
CA ARG B 29 14.26 -5.86 -3.06
C ARG B 29 14.57 -4.64 -2.20
N ASP B 30 13.55 -3.88 -1.80
CA ASP B 30 13.76 -2.65 -1.06
C ASP B 30 13.75 -2.83 0.45
N ALA B 31 13.42 -4.03 0.95
CA ALA B 31 13.40 -4.26 2.39
C ALA B 31 14.79 -4.24 3.03
N ARG B 32 15.86 -4.31 2.24
CA ARG B 32 17.21 -4.26 2.75
C ARG B 32 17.76 -2.83 2.85
N THR B 33 16.88 -1.84 2.93
CA THR B 33 17.27 -0.44 2.96
C THR B 33 16.95 0.16 4.33
N VAL B 34 17.76 1.13 4.74
CA VAL B 34 17.66 1.77 6.04
C VAL B 34 17.35 3.24 5.83
N LYS B 35 16.34 3.75 6.53
CA LYS B 35 15.88 5.12 6.39
C LYS B 35 16.65 6.02 7.34
N LEU B 36 17.47 6.90 6.79
CA LEU B 36 18.25 7.86 7.55
C LEU B 36 17.86 9.26 7.14
N LEU B 37 17.67 10.14 8.13
CA LEU B 37 17.35 11.54 7.87
C LEU B 37 18.44 12.43 8.42
N LEU B 38 19.03 13.27 7.57
CA LEU B 38 20.16 14.11 7.95
C LEU B 38 19.66 15.52 8.26
N LEU B 39 19.97 16.00 9.46
CA LEU B 39 19.57 17.32 9.92
C LEU B 39 20.75 18.02 10.57
N GLY B 40 20.71 19.34 10.56
CA GLY B 40 21.78 20.12 11.14
C GLY B 40 21.55 21.59 10.90
N ALA B 41 22.51 22.39 11.37
CA ALA B 41 22.44 23.84 11.22
C ALA B 41 23.12 24.28 9.93
N SER B 44 26.48 21.76 11.86
CA SER B 44 26.32 22.59 10.68
C SER B 44 26.98 21.95 9.46
N GLY B 45 27.80 20.93 9.70
CA GLY B 45 28.50 20.25 8.63
C GLY B 45 27.72 19.11 8.01
N LYS B 46 26.66 19.46 7.27
CA LYS B 46 25.88 18.42 6.61
C LYS B 46 26.60 17.86 5.38
N ALA B 47 27.42 18.67 4.73
CA ALA B 47 28.15 18.24 3.54
C ALA B 47 29.42 17.47 3.86
N THR B 48 29.87 17.48 5.11
CA THR B 48 31.05 16.73 5.53
C THR B 48 30.73 15.30 5.96
N ILE B 49 29.45 14.94 5.99
CA ILE B 49 29.05 13.58 6.35
C ILE B 49 28.57 12.78 5.14
N VAL B 50 28.16 13.44 4.05
CA VAL B 50 27.74 12.73 2.85
C VAL B 50 28.95 12.05 2.24
N LYS B 51 29.01 10.71 2.37
CA LYS B 51 30.14 9.89 1.94
C LYS B 51 31.45 10.37 2.56
N GLN B 52 31.37 10.86 3.80
CA GLN B 52 32.49 11.46 4.53
C GLN B 52 33.20 12.54 3.72
N THR B 181 16.01 25.30 -3.57
CA THR B 181 14.70 25.26 -4.20
C THR B 181 14.47 23.93 -4.90
N THR B 182 15.52 23.11 -4.98
CA THR B 182 15.39 21.81 -5.62
C THR B 182 14.54 20.85 -4.79
N GLY B 183 14.74 20.83 -3.47
CA GLY B 183 13.97 19.97 -2.60
C GLY B 183 14.81 19.04 -1.78
N ILE B 184 14.61 17.74 -1.97
CA ILE B 184 15.35 16.72 -1.23
C ILE B 184 16.63 16.38 -1.97
N ILE B 185 17.61 15.90 -1.23
CA ILE B 185 18.84 15.33 -1.78
C ILE B 185 19.00 13.94 -1.21
N GLU B 186 18.97 12.93 -2.08
CA GLU B 186 19.05 11.54 -1.66
C GLU B 186 20.47 11.03 -1.87
N THR B 187 21.11 10.61 -0.79
CA THR B 187 22.44 10.01 -0.83
C THR B 187 22.31 8.54 -0.46
N GLN B 188 22.61 7.67 -1.42
CA GLN B 188 22.51 6.23 -1.22
C GLN B 188 23.92 5.65 -1.09
N PHE B 189 24.17 4.94 0.00
CA PHE B 189 25.46 4.29 0.19
C PHE B 189 25.27 2.94 0.87
N SER B 190 26.15 2.00 0.54
CA SER B 190 26.07 0.64 1.04
C SER B 190 27.21 0.38 2.02
N PHE B 191 26.89 -0.33 3.10
CA PHE B 191 27.90 -0.74 4.08
C PHE B 191 27.46 -2.05 4.70
N LYS B 192 28.33 -3.08 4.58
CA LYS B 192 28.15 -4.40 5.18
C LYS B 192 26.76 -4.97 4.92
N ASP B 193 26.42 -5.01 3.63
CA ASP B 193 25.17 -5.57 3.11
C ASP B 193 23.94 -4.82 3.62
N LEU B 194 24.09 -3.56 4.02
CA LEU B 194 22.96 -2.69 4.28
C LEU B 194 23.01 -1.49 3.34
N HIS B 195 21.86 -1.18 2.74
CA HIS B 195 21.71 0.02 1.93
C HIS B 195 21.14 1.13 2.82
N PHE B 196 21.75 2.31 2.75
CA PHE B 196 21.33 3.45 3.53
C PHE B 196 20.99 4.59 2.59
N ARG B 197 19.93 5.32 2.92
CA ARG B 197 19.46 6.45 2.14
C ARG B 197 19.35 7.64 3.09
N MET B 198 20.30 8.57 3.01
CA MET B 198 20.20 9.83 3.74
C MET B 198 19.45 10.85 2.91
N PHE B 199 18.61 11.64 3.57
CA PHE B 199 17.77 12.61 2.88
C PHE B 199 18.06 14.00 3.45
N ASP B 200 18.65 14.86 2.64
CA ASP B 200 18.86 16.25 2.99
C ASP B 200 17.63 17.06 2.60
N VAL B 201 17.08 17.80 3.57
CA VAL B 201 15.89 18.61 3.35
C VAL B 201 16.19 20.09 3.56
N GLY B 202 17.46 20.47 3.55
CA GLY B 202 17.85 21.85 3.75
C GLY B 202 17.54 22.74 2.56
N SER B 206 10.90 29.01 8.71
CA SER B 206 10.79 27.85 9.59
C SER B 206 9.57 27.00 9.22
N GLU B 207 8.73 26.73 10.22
CA GLU B 207 7.53 25.90 10.08
C GLU B 207 7.88 24.53 9.51
N ARG B 208 8.87 23.89 10.15
CA ARG B 208 9.34 22.57 9.72
C ARG B 208 8.35 21.46 10.05
N LYS B 209 7.34 21.73 10.87
CA LYS B 209 6.37 20.70 11.24
C LYS B 209 5.41 20.34 10.12
N LYS B 210 5.41 21.09 9.02
CA LYS B 210 4.47 20.82 7.94
C LYS B 210 4.84 19.55 7.18
N TRP B 211 6.13 19.32 6.95
CA TRP B 211 6.59 18.16 6.20
C TRP B 211 7.23 17.10 7.09
N ILE B 212 7.15 17.25 8.41
CA ILE B 212 7.86 16.34 9.31
C ILE B 212 7.14 15.00 9.43
N HIS B 213 5.87 14.94 9.04
CA HIS B 213 5.12 13.69 9.10
C HIS B 213 5.59 12.68 8.05
N CYS B 214 6.32 13.14 7.03
CA CYS B 214 6.85 12.23 6.03
C CYS B 214 7.88 11.29 6.62
N PHE B 215 8.64 11.76 7.61
CA PHE B 215 9.70 10.98 8.25
C PHE B 215 9.27 10.42 9.59
N GLU B 216 8.00 10.01 9.71
CA GLU B 216 7.47 9.51 10.97
C GLU B 216 7.79 8.04 11.21
N GLY B 217 8.45 7.38 10.27
CA GLY B 217 8.77 5.97 10.43
C GLY B 217 10.18 5.64 9.97
N VAL B 218 11.07 6.63 9.98
CA VAL B 218 12.43 6.40 9.54
C VAL B 218 13.20 5.65 10.63
N THR B 219 14.29 5.00 10.21
CA THR B 219 15.09 4.23 11.15
C THR B 219 15.89 5.15 12.09
N CYS B 220 16.52 6.18 11.54
CA CYS B 220 17.40 6.99 12.39
C CYS B 220 17.51 8.42 11.88
N ILE B 221 17.87 9.31 12.80
CA ILE B 221 18.10 10.72 12.50
C ILE B 221 19.56 11.01 12.79
N ILE B 222 20.33 11.35 11.75
CA ILE B 222 21.70 11.81 11.92
C ILE B 222 21.66 13.32 12.08
N PHE B 223 21.98 13.79 13.28
CA PHE B 223 22.04 15.21 13.59
C PHE B 223 23.50 15.65 13.58
N CYS B 224 23.73 16.84 13.05
CA CYS B 224 25.06 17.42 12.99
C CYS B 224 25.13 18.67 13.86
N ALA B 225 26.24 18.84 14.56
CA ALA B 225 26.43 20.01 15.39
C ALA B 225 27.90 20.39 15.39
N ALA B 226 28.18 21.68 15.28
CA ALA B 226 29.54 22.18 15.28
C ALA B 226 29.95 22.55 16.70
N LEU B 227 31.00 21.90 17.21
CA LEU B 227 31.59 22.32 18.47
C LEU B 227 32.16 23.72 18.35
N SER B 228 32.81 24.01 17.24
CA SER B 228 33.32 25.35 16.94
C SER B 228 32.31 26.14 16.11
N ALA B 229 31.15 26.38 16.71
CA ALA B 229 30.09 27.13 16.05
C ALA B 229 30.06 28.58 16.54
N ARG B 242 24.63 30.46 17.08
CA ARG B 242 24.80 29.19 16.39
C ARG B 242 24.52 28.01 17.32
N MET B 243 25.21 28.01 18.47
CA MET B 243 24.98 26.97 19.45
C MET B 243 23.55 27.01 19.99
N HIS B 244 23.03 28.21 20.24
CA HIS B 244 21.64 28.33 20.69
C HIS B 244 20.67 27.82 19.63
N ALA B 245 20.96 28.12 18.36
CA ALA B 245 20.11 27.62 17.29
C ALA B 245 20.15 26.09 17.19
N SER B 246 21.34 25.51 17.38
CA SER B 246 21.45 24.05 17.37
C SER B 246 20.71 23.43 18.55
N LEU B 247 20.80 24.03 19.73
CA LEU B 247 20.05 23.54 20.88
C LEU B 247 18.55 23.66 20.65
N LYS B 248 18.09 24.75 20.01
CA LYS B 248 16.68 24.89 19.72
C LYS B 248 16.21 23.86 18.70
N LEU B 249 17.04 23.59 17.69
CA LEU B 249 16.70 22.57 16.71
C LEU B 249 16.62 21.19 17.35
N PHE B 250 17.54 20.89 18.27
CA PHE B 250 17.48 19.61 18.98
C PHE B 250 16.29 19.55 19.93
N ASP B 251 15.90 20.69 20.52
CA ASP B 251 14.65 20.77 21.28
C ASP B 251 13.47 20.36 20.40
N SER B 252 13.40 20.93 19.19
CA SER B 252 12.28 20.64 18.30
C SER B 252 12.31 19.20 17.80
N ILE B 253 13.50 18.61 17.65
CA ILE B 253 13.61 17.30 17.01
C ILE B 253 13.50 16.18 18.04
N CYS B 254 14.33 16.18 19.09
CA CYS B 254 14.45 15.02 19.96
C CYS B 254 13.26 14.85 20.91
N ASN B 255 12.41 15.86 21.05
CA ASN B 255 11.19 15.76 21.86
C ASN B 255 9.94 15.79 21.00
N HIS B 256 10.06 15.54 19.71
CA HIS B 256 8.92 15.62 18.81
C HIS B 256 7.95 14.46 19.04
N LYS B 257 6.72 14.66 18.60
CA LYS B 257 5.69 13.63 18.77
C LYS B 257 6.01 12.37 17.97
N TYR B 258 6.48 12.53 16.74
CA TYR B 258 6.77 11.39 15.87
C TYR B 258 8.13 10.75 16.17
N PHE B 259 9.01 11.44 16.89
CA PHE B 259 10.36 10.96 17.12
C PHE B 259 10.62 10.63 18.60
N SER B 260 9.59 10.22 19.31
CA SER B 260 9.78 9.77 20.69
C SER B 260 10.53 8.44 20.74
N ASP B 261 10.37 7.61 19.72
CA ASP B 261 11.03 6.31 19.65
C ASP B 261 11.94 6.20 18.42
N THR B 262 12.45 7.33 17.95
CA THR B 262 13.36 7.37 16.81
C THR B 262 14.75 7.74 17.29
N SER B 263 15.72 6.88 17.00
CA SER B 263 17.06 7.05 17.53
C SER B 263 17.78 8.20 16.81
N ILE B 264 18.70 8.83 17.55
CA ILE B 264 19.47 9.95 17.07
C ILE B 264 20.95 9.55 17.10
N VAL B 265 21.63 9.75 15.98
CA VAL B 265 23.08 9.66 15.92
C VAL B 265 23.59 11.09 15.80
N LEU B 266 24.28 11.56 16.83
CA LEU B 266 24.69 12.95 16.94
C LEU B 266 26.17 13.06 16.64
N PHE B 267 26.53 13.87 15.66
CA PHE B 267 27.90 14.13 15.28
C PHE B 267 28.31 15.50 15.79
N LEU B 268 29.48 15.58 16.41
CA LEU B 268 30.07 16.82 16.87
C LEU B 268 31.29 17.07 15.99
N ASN B 269 31.08 17.79 14.89
CA ASN B 269 32.12 17.89 13.88
C ASN B 269 33.01 19.11 14.12
N LYS B 270 33.98 19.29 13.22
CA LYS B 270 35.00 20.34 13.29
C LYS B 270 35.78 20.26 14.60
N LYS B 271 36.41 19.10 14.80
CA LYS B 271 37.13 18.85 16.05
C LYS B 271 38.45 19.61 16.11
N ASP B 272 39.16 19.73 14.98
CA ASP B 272 40.40 20.50 14.97
C ASP B 272 40.12 22.00 15.15
N ILE B 273 39.05 22.48 14.52
CA ILE B 273 38.65 23.88 14.70
C ILE B 273 38.28 24.15 16.14
N PHE B 274 37.57 23.22 16.78
CA PHE B 274 37.24 23.39 18.20
C PHE B 274 38.47 23.29 19.08
N GLN B 275 39.45 22.47 18.71
CA GLN B 275 40.69 22.40 19.47
C GLN B 275 41.44 23.72 19.39
N GLU B 276 41.47 24.34 18.21
CA GLU B 276 42.11 25.64 18.06
C GLU B 276 41.33 26.74 18.78
N LYS B 277 39.99 26.64 18.80
CA LYS B 277 39.15 27.69 19.35
C LYS B 277 39.01 27.61 20.87
N VAL B 278 39.19 26.42 21.45
CA VAL B 278 38.93 26.24 22.87
C VAL B 278 39.98 26.97 23.71
N THR B 279 41.25 26.89 23.29
CA THR B 279 42.30 27.57 24.03
C THR B 279 42.18 29.09 23.91
N LYS B 280 41.70 29.57 22.76
CA LYS B 280 41.60 31.01 22.54
C LYS B 280 40.39 31.60 23.26
N VAL B 281 39.20 31.11 22.94
CA VAL B 281 37.96 31.64 23.49
C VAL B 281 37.47 30.69 24.57
N HIS B 282 37.19 31.25 25.76
CA HIS B 282 36.69 30.44 26.86
C HIS B 282 35.24 30.03 26.60
N LEU B 283 34.76 29.10 27.44
CA LEU B 283 33.41 28.57 27.27
C LEU B 283 32.32 29.55 27.69
N SER B 284 32.68 30.70 28.28
CA SER B 284 31.71 31.66 28.75
C SER B 284 31.16 32.56 27.64
N ILE B 285 31.59 32.36 26.40
CA ILE B 285 31.08 33.17 25.29
C ILE B 285 29.61 32.86 25.04
N CYS B 286 29.18 31.62 25.31
CA CYS B 286 27.78 31.24 25.15
C CYS B 286 27.21 30.45 26.32
N PHE B 287 28.04 29.79 27.12
CA PHE B 287 27.59 29.02 28.27
C PHE B 287 28.45 29.40 29.47
N PRO B 288 28.10 30.49 30.17
CA PRO B 288 28.94 30.94 31.29
C PRO B 288 28.68 30.17 32.57
N GLU B 289 28.63 28.84 32.49
CA GLU B 289 28.48 27.99 33.66
C GLU B 289 29.54 26.90 33.73
N TYR B 290 30.47 26.86 32.77
CA TYR B 290 31.46 25.79 32.69
C TYR B 290 32.41 25.80 33.88
N THR B 291 33.20 26.86 34.01
CA THR B 291 34.20 27.03 35.08
C THR B 291 35.13 25.83 35.17
N GLY B 292 35.58 25.36 34.00
CA GLY B 292 36.40 24.18 33.93
C GLY B 292 37.67 24.40 33.13
N PRO B 293 38.45 23.34 32.96
CA PRO B 293 39.74 23.46 32.26
C PRO B 293 39.54 23.70 30.77
N ASN B 294 40.58 24.29 30.16
CA ASN B 294 40.59 24.58 28.74
C ASN B 294 41.10 23.41 27.90
N THR B 295 41.11 22.20 28.46
CA THR B 295 41.50 21.02 27.70
C THR B 295 40.47 20.72 26.62
N PHE B 296 40.96 20.25 25.47
CA PHE B 296 40.08 19.96 24.35
C PHE B 296 39.11 18.83 24.67
N GLU B 297 39.60 17.78 25.34
CA GLU B 297 38.74 16.66 25.72
C GLU B 297 37.67 17.08 26.72
N ASP B 298 38.05 17.87 27.72
CA ASP B 298 37.08 18.33 28.72
C ASP B 298 36.06 19.27 28.10
N ALA B 299 36.52 20.16 27.21
CA ALA B 299 35.59 21.07 26.52
C ALA B 299 34.62 20.29 25.65
N GLY B 300 35.11 19.28 24.93
CA GLY B 300 34.22 18.45 24.13
C GLY B 300 33.22 17.69 24.97
N ASN B 301 33.66 17.16 26.11
CA ASN B 301 32.76 16.46 27.02
C ASN B 301 31.70 17.39 27.59
N TYR B 302 32.06 18.65 27.85
CA TYR B 302 31.06 19.59 28.37
C TYR B 302 30.07 20.00 27.28
N ILE B 303 30.55 20.28 26.07
CA ILE B 303 29.66 20.66 24.99
C ILE B 303 28.78 19.49 24.56
N LYS B 304 29.21 18.26 24.81
CA LYS B 304 28.36 17.10 24.56
C LYS B 304 27.10 17.15 25.42
N ASN B 305 27.22 17.62 26.66
CA ASN B 305 26.06 17.94 27.47
C ASN B 305 25.41 19.23 26.97
N GLN B 306 24.17 19.44 27.38
CA GLN B 306 23.19 20.37 26.82
C GLN B 306 22.77 19.96 25.41
N PHE B 307 23.33 18.89 24.88
CA PHE B 307 22.85 18.18 23.70
C PHE B 307 22.34 16.80 24.05
N LEU B 308 23.17 15.98 24.70
CA LEU B 308 22.75 14.64 25.09
C LEU B 308 21.88 14.65 26.34
N ASP B 309 22.11 15.58 27.26
CA ASP B 309 21.28 15.70 28.46
C ASP B 309 20.03 16.51 28.22
N LEU B 310 19.85 17.05 27.01
CA LEU B 310 18.69 17.86 26.67
C LEU B 310 17.44 17.04 26.41
N ASN B 311 17.58 15.75 26.12
CA ASN B 311 16.43 14.93 25.76
C ASN B 311 15.59 14.58 26.98
N LEU B 312 14.37 14.11 26.71
CA LEU B 312 13.49 13.57 27.72
C LEU B 312 13.06 12.17 27.30
N LYS B 313 12.66 11.37 28.30
CA LYS B 313 12.29 9.97 28.11
C LYS B 313 13.44 9.18 27.46
N LYS B 314 14.56 9.13 28.19
CA LYS B 314 15.78 8.49 27.72
C LYS B 314 15.77 6.97 27.90
N GLU B 315 14.61 6.36 28.10
CA GLU B 315 14.50 4.92 28.26
C GLU B 315 14.07 4.21 26.98
N ASP B 316 13.35 4.90 26.09
CA ASP B 316 12.87 4.29 24.85
C ASP B 316 13.86 4.48 23.70
N LYS B 317 14.19 5.74 23.39
CA LYS B 317 15.14 6.06 22.35
C LYS B 317 16.53 6.25 22.94
N GLU B 318 17.54 6.22 22.06
CA GLU B 318 18.92 6.41 22.47
C GLU B 318 19.59 7.41 21.55
N ILE B 319 20.43 8.27 22.13
CA ILE B 319 21.22 9.24 21.38
C ILE B 319 22.67 8.77 21.42
N TYR B 320 23.28 8.64 20.23
CA TYR B 320 24.66 8.21 20.10
C TYR B 320 25.53 9.43 19.81
N SER B 321 26.72 9.47 20.42
CA SER B 321 27.63 10.59 20.30
C SER B 321 28.94 10.12 19.70
N HIS B 322 29.45 10.87 18.73
CA HIS B 322 30.69 10.51 18.05
C HIS B 322 31.31 11.76 17.44
N MET B 323 32.49 12.13 17.92
CA MET B 323 33.25 13.18 17.26
C MET B 323 33.62 12.73 15.85
N THR B 324 33.42 13.62 14.88
CA THR B 324 33.58 13.24 13.47
C THR B 324 35.06 13.02 13.16
N CYS B 325 35.40 11.77 12.85
CA CYS B 325 36.78 11.39 12.57
C CYS B 325 37.12 11.66 11.10
N SER B 326 38.38 11.42 10.74
CA SER B 326 38.85 11.61 9.37
C SER B 326 39.50 10.35 8.82
N THR B 327 39.18 9.19 9.39
CA THR B 327 39.73 7.91 8.95
C THR B 327 38.82 7.21 7.95
N ASP B 328 38.08 7.98 7.15
CA ASP B 328 37.16 7.48 6.13
C ASP B 328 36.08 6.58 6.73
N THR B 329 36.31 5.26 6.70
CA THR B 329 35.31 4.29 7.12
C THR B 329 35.27 4.16 8.65
N GLN B 330 34.90 5.26 9.30
CA GLN B 330 34.63 5.26 10.73
C GLN B 330 33.22 5.73 11.04
N ASN B 331 32.79 6.85 10.47
CA ASN B 331 31.45 7.36 10.74
C ASN B 331 30.38 6.46 10.13
N VAL B 332 30.64 5.93 8.93
CA VAL B 332 29.69 5.00 8.33
C VAL B 332 29.60 3.71 9.15
N LYS B 333 30.72 3.26 9.74
CA LYS B 333 30.67 2.09 10.60
C LYS B 333 29.91 2.37 11.89
N PHE B 334 30.04 3.59 12.42
CA PHE B 334 29.26 3.98 13.60
C PHE B 334 27.77 3.98 13.30
N VAL B 335 27.38 4.54 12.15
CA VAL B 335 25.97 4.52 11.76
C VAL B 335 25.50 3.09 11.50
N PHE B 336 26.37 2.25 10.96
CA PHE B 336 26.04 0.84 10.75
C PHE B 336 25.75 0.14 12.07
N ASP B 337 26.59 0.38 13.08
CA ASP B 337 26.35 -0.21 14.39
C ASP B 337 25.05 0.29 15.00
N ALA B 338 24.77 1.59 14.84
CA ALA B 338 23.53 2.14 15.38
C ALA B 338 22.31 1.49 14.73
N VAL B 339 22.25 1.48 13.40
CA VAL B 339 21.10 0.91 12.72
C VAL B 339 21.01 -0.59 12.97
N THR B 340 22.14 -1.25 13.23
CA THR B 340 22.10 -2.64 13.68
C THR B 340 21.39 -2.76 15.02
N ASP B 341 21.63 -1.81 15.93
CA ASP B 341 20.93 -1.83 17.22
C ASP B 341 19.42 -1.66 17.04
N ILE B 342 19.01 -0.70 16.20
CA ILE B 342 17.57 -0.53 15.96
C ILE B 342 16.97 -1.76 15.27
N ILE B 343 17.73 -2.38 14.35
CA ILE B 343 17.21 -3.57 13.66
C ILE B 343 17.05 -4.74 14.64
N ILE B 344 18.00 -4.89 15.57
CA ILE B 344 17.88 -5.92 16.61
C ILE B 344 16.65 -5.67 17.46
N LYS B 345 16.40 -4.41 17.83
CA LYS B 345 15.23 -4.09 18.64
C LYS B 345 13.93 -4.39 17.87
N GLU B 346 13.90 -4.05 16.59
CA GLU B 346 12.71 -4.31 15.77
C GLU B 346 12.48 -5.82 15.62
N ASN B 347 13.55 -6.59 15.47
CA ASN B 347 13.42 -8.04 15.37
C ASN B 347 12.92 -8.64 16.67
N LEU B 348 13.41 -8.13 17.81
CA LEU B 348 12.91 -8.58 19.11
C LEU B 348 11.43 -8.28 19.26
N LYS B 349 11.02 -7.08 18.87
CA LYS B 349 9.60 -6.71 18.97
C LYS B 349 8.74 -7.56 18.05
N ASP B 350 9.23 -7.82 16.83
CA ASP B 350 8.46 -8.64 15.89
C ASP B 350 8.35 -10.08 16.36
N CYS B 351 9.42 -10.63 16.95
CA CYS B 351 9.34 -11.97 17.49
C CYS B 351 8.49 -12.02 18.75
N GLY B 352 8.34 -10.89 19.44
CA GLY B 352 7.39 -10.78 20.53
C GLY B 352 7.89 -11.20 21.88
N LEU B 353 9.12 -11.74 21.98
CA LEU B 353 9.63 -12.12 23.29
C LEU B 353 10.01 -10.89 24.12
N PHE B 354 10.45 -9.81 23.47
CA PHE B 354 10.83 -8.60 24.16
C PHE B 354 9.62 -7.90 24.78
N GLU C 2 6.95 57.49 6.96
CA GLU C 2 5.58 57.38 7.44
C GLU C 2 5.17 55.92 7.62
N LEU C 3 6.09 55.12 8.16
CA LEU C 3 5.78 53.71 8.43
C LEU C 3 4.68 53.58 9.48
N ASP C 4 4.73 54.40 10.52
CA ASP C 4 3.67 54.40 11.52
C ASP C 4 2.35 54.86 10.92
N GLN C 5 2.38 55.83 10.00
CA GLN C 5 1.16 56.25 9.31
C GLN C 5 0.58 55.13 8.46
N LEU C 6 1.44 54.38 7.76
CA LEU C 6 0.96 53.25 6.97
C LEU C 6 0.38 52.16 7.86
N ARG C 7 1.02 51.91 9.00
CA ARG C 7 0.48 50.92 9.94
C ARG C 7 -0.87 51.37 10.49
N GLN C 8 -1.01 52.66 10.80
CA GLN C 8 -2.29 53.18 11.28
C GLN C 8 -3.37 53.08 10.19
N GLU C 9 -3.00 53.35 8.94
CA GLU C 9 -3.97 53.22 7.84
C GLU C 9 -4.41 51.78 7.66
N ALA C 10 -3.47 50.83 7.76
CA ALA C 10 -3.83 49.41 7.68
C ALA C 10 -4.73 49.00 8.84
N GLU C 11 -4.44 49.49 10.05
CA GLU C 11 -5.28 49.20 11.20
C GLU C 11 -6.69 49.78 11.03
N GLN C 12 -6.78 51.00 10.49
CA GLN C 12 -8.09 51.60 10.25
C GLN C 12 -8.87 50.84 9.19
N LEU C 13 -8.18 50.37 8.15
CA LEU C 13 -8.85 49.57 7.13
C LEU C 13 -9.36 48.24 7.70
N LYS C 14 -8.55 47.61 8.55
CA LYS C 14 -8.98 46.37 9.20
C LYS C 14 -10.17 46.62 10.13
N ASN C 15 -10.16 47.74 10.85
CA ASN C 15 -11.29 48.08 11.72
C ASN C 15 -12.54 48.34 10.90
N GLN C 16 -12.41 49.01 9.76
CA GLN C 16 -13.57 49.24 8.88
C GLN C 16 -14.11 47.93 8.33
N ILE C 17 -13.21 47.01 7.96
CA ILE C 17 -13.64 45.69 7.47
C ILE C 17 -14.39 44.94 8.56
N ARG C 18 -13.86 44.97 9.79
CA ARG C 18 -14.53 44.31 10.91
C ARG C 18 -15.89 44.94 11.20
N ASP C 19 -15.98 46.27 11.11
CA ASP C 19 -17.25 46.95 11.34
C ASP C 19 -18.28 46.58 10.29
N ALA C 20 -17.87 46.51 9.01
CA ALA C 20 -18.78 46.11 7.95
C ALA C 20 -19.23 44.66 8.13
N ARG C 21 -18.30 43.78 8.52
CA ARG C 21 -18.65 42.39 8.75
C ARG C 21 -19.63 42.25 9.91
N LYS C 22 -19.44 43.03 10.98
CA LYS C 22 -20.36 42.98 12.10
C LYS C 22 -21.71 43.56 11.73
N ALA C 23 -21.73 44.59 10.87
CA ALA C 23 -22.99 45.15 10.41
C ALA C 23 -23.74 44.19 9.50
N CYS C 24 -23.02 43.32 8.79
CA CYS C 24 -23.69 42.32 7.96
C CYS C 24 -24.37 41.25 8.81
N ALA C 25 -23.80 40.94 9.98
CA ALA C 25 -24.37 39.91 10.86
C ALA C 25 -25.61 40.44 11.54
N ASP C 26 -26.76 39.81 11.28
CA ASP C 26 -28.00 40.13 11.96
C ASP C 26 -28.74 38.92 12.48
N ALA C 27 -28.41 37.71 12.04
CA ALA C 27 -29.04 36.50 12.56
C ALA C 27 -28.07 35.35 12.39
N THR C 28 -27.72 34.69 13.49
CA THR C 28 -26.85 33.52 13.43
C THR C 28 -27.57 32.38 12.72
N LEU C 29 -26.79 31.53 12.05
CA LEU C 29 -27.37 30.46 11.24
C LEU C 29 -28.05 29.41 12.10
N SER C 30 -27.66 29.27 13.37
CA SER C 30 -28.34 28.34 14.27
C SER C 30 -29.78 28.75 14.51
N GLN C 31 -30.04 30.06 14.58
CA GLN C 31 -31.40 30.55 14.77
C GLN C 31 -32.30 30.18 13.59
N ILE C 32 -31.77 30.31 12.36
CA ILE C 32 -32.55 29.97 11.16
C ILE C 32 -32.50 28.48 10.84
N THR C 33 -31.68 27.70 11.56
CA THR C 33 -31.52 26.29 11.28
C THR C 33 -32.06 25.38 12.36
N ASN C 34 -32.47 25.91 13.51
CA ASN C 34 -33.02 25.08 14.58
C ASN C 34 -34.36 24.44 14.21
N ASN C 35 -35.01 24.89 13.14
CA ASN C 35 -36.32 24.36 12.78
C ASN C 35 -36.23 23.10 11.92
N ILE C 36 -35.15 22.93 11.15
CA ILE C 36 -35.05 21.80 10.24
C ILE C 36 -34.80 20.51 11.02
N ASP C 37 -35.22 19.40 10.45
CA ASP C 37 -35.11 18.11 11.09
C ASP C 37 -33.67 17.59 11.04
N PRO C 38 -33.21 16.92 12.09
CA PRO C 38 -31.85 16.37 12.08
C PRO C 38 -31.72 15.21 11.10
N VAL C 39 -30.49 15.00 10.64
CA VAL C 39 -30.23 13.94 9.67
C VAL C 39 -30.23 12.55 10.30
N GLY C 40 -30.02 12.46 11.60
CA GLY C 40 -30.14 11.18 12.30
C GLY C 40 -28.78 10.62 12.68
N ARG C 41 -28.58 9.33 12.39
CA ARG C 41 -27.44 8.55 12.83
C ARG C 41 -26.85 7.74 11.67
N ILE C 42 -26.57 8.43 10.55
CA ILE C 42 -26.07 7.83 9.33
C ILE C 42 -24.83 6.99 9.59
N GLN C 43 -24.93 5.69 9.32
CA GLN C 43 -23.85 4.75 9.53
C GLN C 43 -23.39 4.23 8.18
N MET C 44 -22.09 4.36 7.90
CA MET C 44 -21.50 3.92 6.64
C MET C 44 -20.61 2.72 6.90
N ARG C 45 -20.64 1.76 5.99
CA ARG C 45 -19.85 0.56 6.10
C ARG C 45 -18.79 0.51 5.01
N THR C 46 -17.70 -0.19 5.29
CA THR C 46 -16.62 -0.39 4.33
C THR C 46 -17.07 -1.39 3.27
N ARG C 47 -17.60 -0.89 2.16
CA ARG C 47 -18.03 -1.78 1.09
C ARG C 47 -16.84 -2.36 0.33
N ARG C 48 -15.73 -1.64 0.27
CA ARG C 48 -14.53 -2.11 -0.41
C ARG C 48 -13.30 -1.80 0.44
N THR C 49 -12.26 -2.60 0.23
CA THR C 49 -10.94 -2.32 0.77
C THR C 49 -9.91 -2.53 -0.33
N LEU C 50 -8.85 -1.72 -0.30
CA LEU C 50 -7.84 -1.73 -1.34
C LEU C 50 -6.49 -2.01 -0.71
N ARG C 51 -5.83 -3.08 -1.14
CA ARG C 51 -4.53 -3.48 -0.63
C ARG C 51 -3.51 -3.47 -1.75
N GLY C 52 -2.27 -3.21 -1.38
CA GLY C 52 -1.19 -3.14 -2.35
C GLY C 52 -0.17 -2.06 -2.04
N HIS C 53 -0.61 -0.97 -1.43
CA HIS C 53 0.33 0.01 -0.91
C HIS C 53 1.08 -0.57 0.28
N LEU C 54 2.37 -0.27 0.36
CA LEU C 54 3.24 -0.84 1.37
C LEU C 54 3.92 0.24 2.21
N ALA C 55 3.31 1.43 2.25
CA ALA C 55 3.81 2.54 3.06
C ALA C 55 2.62 3.46 3.34
N LYS C 56 2.90 4.59 3.99
CA LYS C 56 1.84 5.51 4.38
C LYS C 56 1.21 6.18 3.16
N ILE C 57 -0.11 6.12 3.07
CA ILE C 57 -0.85 6.76 1.99
C ILE C 57 -1.07 8.21 2.37
N TYR C 58 -0.67 9.14 1.50
CA TYR C 58 -0.86 10.55 1.80
C TYR C 58 -1.91 11.27 0.95
N ALA C 59 -2.27 10.74 -0.20
CA ALA C 59 -3.21 11.48 -1.03
C ALA C 59 -4.05 10.53 -1.85
N MET C 60 -5.23 11.00 -2.23
CA MET C 60 -6.07 10.33 -3.21
C MET C 60 -6.87 11.38 -3.97
N HIS C 61 -7.37 10.99 -5.13
CA HIS C 61 -8.30 11.82 -5.87
C HIS C 61 -9.24 10.91 -6.67
N TRP C 62 -10.52 11.24 -6.63
CA TRP C 62 -11.51 10.50 -7.40
C TRP C 62 -11.53 10.98 -8.83
N GLY C 63 -12.22 10.23 -9.68
CA GLY C 63 -12.41 10.59 -11.07
C GLY C 63 -13.79 11.16 -11.34
N THR C 64 -13.95 11.71 -12.54
CA THR C 64 -15.25 12.19 -12.97
C THR C 64 -16.21 11.03 -13.19
N ASP C 65 -15.69 9.90 -13.69
CA ASP C 65 -16.51 8.69 -13.84
C ASP C 65 -16.85 8.03 -12.51
N SER C 66 -16.19 8.45 -11.41
CA SER C 66 -16.45 7.98 -10.05
C SER C 66 -16.21 6.48 -9.89
N ARG C 67 -15.35 5.90 -10.73
CA ARG C 67 -14.93 4.52 -10.58
C ARG C 67 -13.43 4.37 -10.53
N LEU C 68 -12.70 5.14 -11.31
CA LEU C 68 -11.24 5.12 -11.27
C LEU C 68 -10.75 5.96 -10.10
N LEU C 69 -9.73 5.46 -9.42
CA LEU C 69 -9.15 6.17 -8.28
C LEU C 69 -7.64 6.22 -8.45
N VAL C 70 -7.02 7.28 -7.96
CA VAL C 70 -5.58 7.42 -7.93
C VAL C 70 -5.15 7.67 -6.49
N SER C 71 -4.13 6.94 -6.04
CA SER C 71 -3.65 7.05 -4.68
C SER C 71 -2.13 7.10 -4.65
N ALA C 72 -1.59 7.91 -3.75
CA ALA C 72 -0.15 8.15 -3.64
C ALA C 72 0.35 7.69 -2.29
N SER C 73 1.43 6.91 -2.29
CA SER C 73 1.98 6.39 -1.05
C SER C 73 3.46 6.74 -0.93
N GLN C 74 4.03 6.43 0.23
CA GLN C 74 5.40 6.79 0.57
C GLN C 74 6.45 5.85 0.01
N ASP C 75 6.07 4.76 -0.66
CA ASP C 75 7.04 3.89 -1.30
C ASP C 75 7.33 4.31 -2.74
N GLY C 76 7.10 5.57 -3.07
CA GLY C 76 7.27 6.03 -4.44
C GLY C 76 6.31 5.39 -5.41
N LYS C 77 5.04 5.27 -5.03
CA LYS C 77 4.09 4.49 -5.80
C LYS C 77 2.79 5.27 -5.96
N LEU C 78 2.31 5.34 -7.20
CA LEU C 78 1.06 6.00 -7.56
C LEU C 78 0.18 4.94 -8.22
N ILE C 79 -0.86 4.48 -7.53
CA ILE C 79 -1.67 3.36 -8.01
C ILE C 79 -3.02 3.87 -8.48
N ILE C 80 -3.41 3.45 -9.67
CA ILE C 80 -4.75 3.70 -10.20
C ILE C 80 -5.55 2.41 -10.04
N TRP C 81 -6.67 2.52 -9.33
CA TRP C 81 -7.51 1.43 -8.89
C TRP C 81 -8.86 1.46 -9.60
N ASP C 82 -9.39 0.27 -9.85
CA ASP C 82 -10.80 0.08 -10.16
C ASP C 82 -11.54 -0.11 -8.83
N SER C 83 -12.36 0.87 -8.46
CA SER C 83 -13.04 0.83 -7.17
C SER C 83 -14.06 -0.30 -7.09
N TYR C 84 -14.70 -0.62 -8.21
CA TYR C 84 -15.77 -1.61 -8.19
C TYR C 84 -15.21 -3.01 -7.98
N THR C 85 -14.09 -3.33 -8.63
CA THR C 85 -13.56 -4.69 -8.67
C THR C 85 -12.22 -4.83 -7.94
N THR C 86 -11.74 -3.76 -7.31
CA THR C 86 -10.54 -3.74 -6.46
C THR C 86 -9.28 -3.96 -7.31
N ASN C 87 -9.45 -4.08 -8.63
CA ASN C 87 -8.32 -4.27 -9.52
C ASN C 87 -7.48 -3.01 -9.61
N LYS C 88 -6.16 -3.20 -9.62
CA LYS C 88 -5.24 -2.09 -9.86
C LYS C 88 -5.05 -1.91 -11.36
N VAL C 89 -5.49 -0.77 -11.87
CA VAL C 89 -5.29 -0.45 -13.28
C VAL C 89 -3.82 -0.19 -13.56
N HIS C 90 -3.19 0.64 -12.73
CA HIS C 90 -1.84 1.08 -13.01
C HIS C 90 -1.04 1.17 -11.72
N ALA C 91 0.26 0.93 -11.82
CA ALA C 91 1.21 1.12 -10.73
C ALA C 91 2.37 1.95 -11.27
N ILE C 92 2.24 3.26 -11.19
CA ILE C 92 3.26 4.19 -11.67
C ILE C 92 4.36 4.31 -10.62
N PRO C 93 5.61 4.02 -10.97
CA PRO C 93 6.73 4.32 -10.06
C PRO C 93 7.15 5.78 -10.21
N LEU C 94 7.30 6.45 -9.08
CA LEU C 94 7.64 7.87 -9.05
C LEU C 94 9.14 8.05 -8.87
N ARG C 95 9.66 9.14 -9.43
CA ARG C 95 11.07 9.48 -9.24
C ARG C 95 11.35 9.81 -7.78
N SER C 96 10.47 10.55 -7.13
CA SER C 96 10.61 10.90 -5.73
C SER C 96 9.52 10.22 -4.93
N SER C 97 9.90 9.67 -3.77
CA SER C 97 8.99 8.88 -2.97
C SER C 97 8.19 9.71 -1.96
N TRP C 98 8.50 10.99 -1.81
CA TRP C 98 7.82 11.83 -0.83
C TRP C 98 6.74 12.65 -1.51
N VAL C 99 5.70 11.94 -1.93
CA VAL C 99 4.55 12.54 -2.58
C VAL C 99 3.51 12.90 -1.52
N MET C 100 3.03 14.15 -1.58
CA MET C 100 2.07 14.66 -0.62
C MET C 100 0.72 14.96 -1.23
N THR C 101 0.62 15.02 -2.55
CA THR C 101 -0.63 15.35 -3.21
C THR C 101 -0.71 14.61 -4.54
N CYS C 102 -1.93 14.36 -4.99
CA CYS C 102 -2.15 13.75 -6.29
C CYS C 102 -3.49 14.22 -6.84
N ALA C 103 -3.57 14.32 -8.15
CA ALA C 103 -4.77 14.80 -8.81
C ALA C 103 -5.05 13.92 -10.03
N TYR C 104 -6.31 13.91 -10.44
CA TYR C 104 -6.77 13.15 -11.59
C TYR C 104 -7.43 14.13 -12.54
N ALA C 105 -6.99 14.14 -13.80
CA ALA C 105 -7.53 15.09 -14.76
C ALA C 105 -9.00 14.78 -15.03
N PRO C 106 -9.83 15.82 -15.22
CA PRO C 106 -11.25 15.58 -15.49
C PRO C 106 -11.50 14.77 -16.75
N SER C 107 -10.67 14.95 -17.78
CA SER C 107 -10.80 14.12 -18.98
C SER C 107 -10.40 12.68 -18.71
N GLY C 108 -9.51 12.46 -17.76
CA GLY C 108 -9.06 11.12 -17.43
C GLY C 108 -7.79 10.69 -18.10
N ASN C 109 -7.12 11.57 -18.84
CA ASN C 109 -5.92 11.19 -19.58
C ASN C 109 -4.63 11.44 -18.80
N TYR C 110 -4.66 12.28 -17.77
CA TYR C 110 -3.46 12.66 -17.05
C TYR C 110 -3.68 12.52 -15.55
N VAL C 111 -2.59 12.22 -14.84
CA VAL C 111 -2.56 12.23 -13.39
C VAL C 111 -1.37 13.07 -12.93
N ALA C 112 -1.59 13.91 -11.93
CA ALA C 112 -0.55 14.78 -11.40
C ALA C 112 -0.11 14.30 -10.02
N CYS C 113 1.15 14.54 -9.71
CA CYS C 113 1.68 14.24 -8.38
C CYS C 113 2.73 15.27 -8.02
N GLY C 114 3.05 15.36 -6.74
CA GLY C 114 4.06 16.29 -6.29
C GLY C 114 4.30 16.14 -4.81
N GLY C 115 5.29 16.87 -4.32
CA GLY C 115 5.63 16.78 -2.91
C GLY C 115 6.91 17.52 -2.54
N LEU C 116 7.80 16.85 -1.81
CA LEU C 116 9.02 17.47 -1.32
C LEU C 116 10.04 17.74 -2.42
N ASP C 117 9.83 17.25 -3.63
CA ASP C 117 10.72 17.53 -4.74
C ASP C 117 10.42 18.86 -5.43
N ASN C 118 9.38 19.56 -5.00
CA ASN C 118 8.97 20.87 -5.52
C ASN C 118 8.62 20.83 -7.00
N ILE C 119 8.26 19.67 -7.53
CA ILE C 119 7.96 19.49 -8.94
C ILE C 119 6.60 18.84 -9.08
N CYS C 120 5.77 19.38 -9.96
CA CYS C 120 4.48 18.77 -10.29
C CYS C 120 4.66 17.90 -11.52
N SER C 121 4.62 16.59 -11.33
CA SER C 121 4.79 15.64 -12.42
C SER C 121 3.43 15.29 -13.01
N ILE C 122 3.31 15.44 -14.33
CA ILE C 122 2.10 15.15 -15.08
C ILE C 122 2.38 13.89 -15.89
N TYR C 123 1.57 12.86 -15.66
CA TYR C 123 1.71 11.54 -16.27
C TYR C 123 0.59 11.31 -17.26
N ASN C 124 0.95 10.87 -18.47
CA ASN C 124 -0.02 10.53 -19.50
C ASN C 124 -0.41 9.06 -19.37
N LEU C 125 -1.71 8.81 -19.30
CA LEU C 125 -2.23 7.45 -19.14
C LEU C 125 -2.59 6.78 -20.45
N LYS C 126 -2.93 7.56 -21.48
CA LYS C 126 -3.34 7.03 -22.77
C LYS C 126 -2.20 7.21 -23.76
N THR C 127 -1.50 6.12 -24.03
CA THR C 127 -0.36 6.12 -24.95
C THR C 127 -0.54 5.01 -25.97
N ARG C 128 0.09 5.19 -27.14
CA ARG C 128 0.13 4.13 -28.13
C ARG C 128 0.88 2.91 -27.60
N GLU C 129 1.99 3.14 -26.91
CA GLU C 129 2.61 2.10 -26.11
C GLU C 129 1.75 1.78 -24.89
N GLY C 130 1.90 0.57 -24.37
CA GLY C 130 1.10 0.15 -23.24
C GLY C 130 1.70 0.49 -21.90
N ASN C 131 2.19 1.72 -21.75
CA ASN C 131 2.83 2.16 -20.52
C ASN C 131 2.43 3.59 -20.19
N VAL C 132 2.59 3.95 -18.94
CA VAL C 132 2.32 5.31 -18.47
C VAL C 132 3.65 6.07 -18.47
N ARG C 133 3.67 7.20 -19.16
CA ARG C 133 4.89 7.96 -19.38
C ARG C 133 4.80 9.33 -18.72
N VAL C 134 5.96 9.84 -18.31
CA VAL C 134 6.03 11.19 -17.74
C VAL C 134 5.81 12.19 -18.88
N SER C 135 4.74 12.96 -18.78
CA SER C 135 4.43 13.93 -19.82
C SER C 135 5.02 15.30 -19.53
N ARG C 136 5.07 15.70 -18.27
CA ARG C 136 5.59 17.01 -17.93
C ARG C 136 6.15 16.99 -16.51
N GLU C 137 7.10 17.89 -16.25
CA GLU C 137 7.66 18.12 -14.91
C GLU C 137 7.67 19.63 -14.68
N LEU C 138 6.58 20.14 -14.11
CA LEU C 138 6.45 21.55 -13.85
C LEU C 138 7.29 21.96 -12.65
N ALA C 139 8.18 22.93 -12.86
CA ALA C 139 9.10 23.40 -11.83
C ALA C 139 9.08 24.92 -11.80
N GLY C 140 9.37 25.46 -10.61
CA GLY C 140 9.31 26.89 -10.40
C GLY C 140 8.87 27.27 -9.01
N HIS C 141 8.22 26.34 -8.31
CA HIS C 141 7.90 26.55 -6.91
C HIS C 141 9.16 26.43 -6.06
N THR C 142 9.20 27.18 -4.97
CA THR C 142 10.37 27.17 -4.10
C THR C 142 10.24 26.15 -2.96
N GLY C 143 9.06 26.05 -2.37
CA GLY C 143 8.81 25.10 -1.30
C GLY C 143 8.14 23.82 -1.79
N TYR C 144 7.82 22.97 -0.82
CA TYR C 144 7.20 21.68 -1.11
C TYR C 144 5.81 21.87 -1.72
N LEU C 145 5.48 21.03 -2.69
CA LEU C 145 4.18 21.07 -3.33
C LEU C 145 3.15 20.39 -2.43
N SER C 146 2.10 21.13 -2.04
CA SER C 146 1.14 20.62 -1.06
C SER C 146 -0.17 20.18 -1.69
N CYS C 147 -0.62 20.82 -2.76
CA CYS C 147 -1.87 20.43 -3.41
C CYS C 147 -1.85 20.90 -4.85
N CYS C 148 -2.34 20.04 -5.74
CA CYS C 148 -2.45 20.36 -7.16
C CYS C 148 -3.84 19.96 -7.64
N ARG C 149 -4.45 20.82 -8.45
CA ARG C 149 -5.79 20.57 -8.97
C ARG C 149 -5.85 20.98 -10.43
N PHE C 150 -6.48 20.15 -11.25
CA PHE C 150 -6.60 20.41 -12.68
C PHE C 150 -7.78 21.33 -12.96
N LEU C 151 -7.60 22.22 -13.93
CA LEU C 151 -8.70 22.97 -14.52
C LEU C 151 -9.11 22.39 -15.87
N ASP C 152 -8.13 22.10 -16.73
CA ASP C 152 -8.35 21.40 -17.99
C ASP C 152 -7.10 20.57 -18.29
N ASP C 153 -7.00 20.08 -19.52
CA ASP C 153 -5.84 19.28 -19.90
C ASP C 153 -4.57 20.11 -20.04
N ASN C 154 -4.68 21.43 -20.15
CA ASN C 154 -3.51 22.27 -20.34
C ASN C 154 -3.23 23.21 -19.18
N GLN C 155 -4.15 23.38 -18.23
CA GLN C 155 -3.98 24.29 -17.12
C GLN C 155 -4.06 23.53 -15.80
N ILE C 156 -3.17 23.86 -14.87
CA ILE C 156 -3.20 23.25 -13.55
C ILE C 156 -2.76 24.30 -12.51
N VAL C 157 -3.44 24.31 -11.38
CA VAL C 157 -3.12 25.21 -10.28
C VAL C 157 -2.52 24.41 -9.14
N THR C 158 -1.43 24.93 -8.58
CA THR C 158 -0.67 24.26 -7.54
C THR C 158 -0.49 25.20 -6.35
N SER C 159 -0.31 24.60 -5.17
CA SER C 159 0.00 25.33 -3.95
C SER C 159 1.27 24.77 -3.34
N SER C 160 1.95 25.64 -2.62
CA SER C 160 3.25 25.23 -2.08
C SER C 160 3.56 25.86 -0.73
N GLY C 161 4.71 25.49 -0.20
CA GLY C 161 5.22 26.03 1.05
C GLY C 161 6.02 27.30 0.93
N ASP C 162 6.12 27.87 -0.28
CA ASP C 162 6.69 29.21 -0.45
C ASP C 162 5.63 30.30 -0.38
N THR C 163 4.51 30.02 0.29
CA THR C 163 3.42 30.98 0.55
C THR C 163 2.80 31.52 -0.74
N THR C 164 2.81 30.73 -1.82
CA THR C 164 2.23 31.18 -3.08
C THR C 164 1.44 30.04 -3.71
N CYS C 165 0.49 30.41 -4.55
CA CYS C 165 -0.19 29.49 -5.46
C CYS C 165 0.14 29.89 -6.89
N ALA C 166 0.14 28.91 -7.78
CA ALA C 166 0.62 29.10 -9.14
C ALA C 166 -0.33 28.48 -10.14
N LEU C 167 -0.39 29.08 -11.33
CA LEU C 167 -1.14 28.55 -12.46
C LEU C 167 -0.16 28.22 -13.58
N TRP C 168 -0.29 27.03 -14.14
CA TRP C 168 0.64 26.52 -15.15
C TRP C 168 -0.13 26.17 -16.42
N ASP C 169 0.45 26.58 -17.55
CA ASP C 169 0.03 26.09 -18.88
C ASP C 169 0.92 24.86 -19.04
N ILE C 170 0.33 23.69 -19.14
CA ILE C 170 1.09 22.45 -19.12
C ILE C 170 1.94 22.29 -20.38
N GLU C 171 1.40 22.68 -21.53
CA GLU C 171 2.12 22.52 -22.80
C GLU C 171 3.39 23.36 -22.82
N THR C 172 3.28 24.63 -22.47
CA THR C 172 4.46 25.49 -22.41
C THR C 172 5.30 25.19 -21.17
N GLY C 173 4.68 24.71 -20.10
CA GLY C 173 5.39 24.43 -18.86
C GLY C 173 5.92 25.67 -18.16
N GLN C 174 5.16 26.76 -18.19
CA GLN C 174 5.63 28.05 -17.70
C GLN C 174 4.65 28.62 -16.69
N GLN C 175 5.19 29.51 -15.85
CA GLN C 175 4.44 30.16 -14.78
C GLN C 175 3.51 31.21 -15.39
N THR C 176 2.26 30.83 -15.62
CA THR C 176 1.30 31.77 -16.19
C THR C 176 0.92 32.86 -15.20
N THR C 177 0.60 32.47 -13.97
CA THR C 177 0.18 33.43 -12.95
C THR C 177 0.63 32.95 -11.59
N THR C 178 1.20 33.86 -10.80
CA THR C 178 1.59 33.58 -9.43
C THR C 178 0.66 34.32 -8.47
N PHE C 179 0.13 33.60 -7.49
CA PHE C 179 -0.82 34.15 -6.54
C PHE C 179 -0.12 34.40 -5.21
N THR C 180 -0.14 35.66 -4.76
CA THR C 180 0.69 36.10 -3.65
C THR C 180 -0.16 36.86 -2.65
N GLY C 181 0.21 36.75 -1.38
CA GLY C 181 -0.49 37.45 -0.31
C GLY C 181 -0.54 36.69 1.00
N HIS C 182 -0.31 35.39 0.95
CA HIS C 182 -0.29 34.60 2.17
C HIS C 182 0.99 34.88 2.97
N THR C 183 0.94 34.53 4.25
CA THR C 183 2.09 34.65 5.15
C THR C 183 2.69 33.31 5.51
N GLY C 184 1.86 32.30 5.78
CA GLY C 184 2.33 30.98 6.12
C GLY C 184 2.24 30.02 4.95
N ASP C 185 2.56 28.76 5.24
CA ASP C 185 2.60 27.72 4.21
C ASP C 185 1.19 27.40 3.74
N VAL C 186 0.96 27.51 2.43
CA VAL C 186 -0.33 27.12 1.87
C VAL C 186 -0.42 25.60 1.87
N MET C 187 -1.50 25.07 2.46
CA MET C 187 -1.58 23.63 2.68
C MET C 187 -2.57 22.90 1.78
N SER C 188 -3.59 23.58 1.27
CA SER C 188 -4.58 22.89 0.46
C SER C 188 -5.23 23.88 -0.52
N LEU C 189 -5.81 23.31 -1.58
CA LEU C 189 -6.52 24.07 -2.59
C LEU C 189 -7.87 23.43 -2.85
N SER C 190 -8.80 24.24 -3.33
CA SER C 190 -10.08 23.76 -3.82
C SER C 190 -10.52 24.66 -4.96
N LEU C 191 -11.20 24.07 -5.94
CA LEU C 191 -11.57 24.75 -7.16
C LEU C 191 -13.09 24.86 -7.25
N ALA C 192 -13.55 26.01 -7.72
CA ALA C 192 -14.98 26.24 -7.86
C ALA C 192 -15.55 25.36 -8.98
N PRO C 193 -16.85 25.03 -8.91
CA PRO C 193 -17.45 24.22 -9.98
C PRO C 193 -17.38 24.86 -11.35
N ASP C 194 -17.38 26.19 -11.44
CA ASP C 194 -17.22 26.86 -12.72
C ASP C 194 -15.76 27.10 -13.08
N THR C 195 -14.82 26.70 -12.21
CA THR C 195 -13.38 26.76 -12.45
C THR C 195 -12.91 28.17 -12.81
N ARG C 196 -13.50 29.18 -12.16
CA ARG C 196 -13.09 30.56 -12.34
C ARG C 196 -12.51 31.18 -11.08
N LEU C 197 -12.82 30.67 -9.90
CA LEU C 197 -12.30 31.15 -8.64
C LEU C 197 -11.74 29.97 -7.88
N PHE C 198 -10.80 30.23 -6.97
CA PHE C 198 -10.33 29.16 -6.10
C PHE C 198 -9.87 29.71 -4.76
N VAL C 199 -9.98 28.89 -3.73
CA VAL C 199 -9.69 29.29 -2.35
C VAL C 199 -8.52 28.47 -1.83
N SER C 200 -7.65 29.12 -1.08
CA SER C 200 -6.45 28.49 -0.51
C SER C 200 -6.37 28.78 0.98
N GLY C 201 -6.14 27.75 1.78
CA GLY C 201 -5.95 27.88 3.21
C GLY C 201 -4.48 27.69 3.56
N ALA C 202 -3.98 28.52 4.47
CA ALA C 202 -2.56 28.50 4.79
C ALA C 202 -2.35 28.29 6.29
N CYS C 203 -1.08 28.30 6.68
CA CYS C 203 -0.66 28.13 8.07
C CYS C 203 -0.71 29.43 8.86
N ASP C 204 -1.07 30.54 8.24
CA ASP C 204 -1.26 31.80 8.93
C ASP C 204 -2.68 31.98 9.47
N ALA C 205 -3.41 30.86 9.66
CA ALA C 205 -4.80 30.85 10.12
C ALA C 205 -5.69 31.72 9.24
N SER C 206 -5.54 31.55 7.93
CA SER C 206 -6.29 32.37 6.97
C SER C 206 -6.57 31.58 5.71
N ALA C 207 -7.59 32.04 5.00
CA ALA C 207 -7.97 31.52 3.68
C ALA C 207 -8.19 32.69 2.74
N LYS C 208 -7.87 32.48 1.47
CA LYS C 208 -7.93 33.54 0.48
C LYS C 208 -8.67 33.07 -0.76
N LEU C 209 -9.49 33.95 -1.33
CA LEU C 209 -10.19 33.69 -2.57
C LEU C 209 -9.51 34.44 -3.70
N TRP C 210 -9.28 33.72 -4.81
CA TRP C 210 -8.53 34.26 -5.95
C TRP C 210 -9.31 34.06 -7.23
N ASP C 211 -9.19 35.04 -8.14
CA ASP C 211 -9.65 34.90 -9.50
C ASP C 211 -8.56 34.27 -10.36
N VAL C 212 -8.93 33.20 -11.06
CA VAL C 212 -7.96 32.50 -11.90
C VAL C 212 -7.51 33.38 -13.07
N ARG C 213 -8.45 34.10 -13.67
CA ARG C 213 -8.16 34.90 -14.86
C ARG C 213 -7.57 36.26 -14.57
N GLU C 214 -7.46 36.66 -13.29
CA GLU C 214 -6.95 37.98 -12.94
C GLU C 214 -5.70 37.95 -12.07
N GLY C 215 -5.47 36.88 -11.33
CA GLY C 215 -4.30 36.81 -10.46
C GLY C 215 -4.31 37.76 -9.29
N MET C 216 -5.48 37.96 -8.67
CA MET C 216 -5.62 38.87 -7.55
C MET C 216 -6.48 38.22 -6.47
N CYS C 217 -6.25 38.64 -5.23
CA CYS C 217 -6.98 38.10 -4.09
C CYS C 217 -8.19 38.98 -3.80
N ARG C 218 -9.39 38.42 -3.96
CA ARG C 218 -10.61 39.19 -3.71
C ARG C 218 -10.89 39.33 -2.22
N GLN C 219 -10.93 38.21 -1.50
CA GLN C 219 -11.34 38.21 -0.10
C GLN C 219 -10.36 37.40 0.74
N THR C 220 -10.21 37.82 2.00
CA THR C 220 -9.43 37.11 3.00
C THR C 220 -10.31 36.81 4.20
N PHE C 221 -10.28 35.57 4.66
CA PHE C 221 -11.10 35.10 5.77
C PHE C 221 -10.17 34.60 6.88
N THR C 222 -10.38 35.13 8.09
CA THR C 222 -9.54 34.81 9.24
C THR C 222 -10.44 34.49 10.43
N GLY C 223 -10.65 33.21 10.71
CA GLY C 223 -11.40 32.83 11.89
C GLY C 223 -10.68 31.88 12.82
N HIS C 224 -9.75 31.10 12.27
CA HIS C 224 -9.13 30.02 13.01
C HIS C 224 -8.03 30.56 13.94
N GLU C 225 -7.33 29.62 14.59
CA GLU C 225 -6.25 29.98 15.49
C GLU C 225 -5.04 29.04 15.34
N SER C 226 -4.95 28.32 14.23
CA SER C 226 -3.87 27.37 14.02
C SER C 226 -3.71 27.16 12.52
N ASP C 227 -2.96 26.12 12.15
CA ASP C 227 -2.64 25.86 10.74
C ASP C 227 -3.82 25.20 10.06
N ILE C 228 -4.32 25.82 8.99
CA ILE C 228 -5.42 25.24 8.22
C ILE C 228 -4.85 24.17 7.29
N ASN C 229 -5.32 22.94 7.46
CA ASN C 229 -4.79 21.81 6.69
C ASN C 229 -5.68 21.39 5.53
N ALA C 230 -6.97 21.71 5.56
CA ALA C 230 -7.89 21.25 4.54
C ALA C 230 -8.83 22.38 4.12
N ILE C 231 -9.35 22.27 2.91
CA ILE C 231 -10.22 23.28 2.33
C ILE C 231 -11.10 22.60 1.30
N CYS C 232 -12.34 23.08 1.17
CA CYS C 232 -13.27 22.56 0.18
C CYS C 232 -14.42 23.54 -0.01
N PHE C 233 -14.77 23.82 -1.26
CA PHE C 233 -16.00 24.54 -1.55
C PHE C 233 -17.25 23.74 -1.22
N PHE C 234 -18.29 24.49 -0.85
CA PHE C 234 -19.64 23.99 -0.87
C PHE C 234 -20.03 23.63 -2.31
N PRO C 235 -20.94 22.69 -2.51
CA PRO C 235 -21.42 22.41 -3.88
C PRO C 235 -22.08 23.60 -4.55
N ASN C 236 -22.54 24.59 -3.78
CA ASN C 236 -23.04 25.83 -4.36
C ASN C 236 -21.93 26.57 -5.10
N GLY C 237 -20.74 26.61 -4.52
CA GLY C 237 -19.68 27.45 -5.03
C GLY C 237 -19.62 28.83 -4.42
N ASN C 238 -20.53 29.16 -3.51
CA ASN C 238 -20.55 30.45 -2.84
C ASN C 238 -20.18 30.33 -1.37
N ALA C 239 -19.63 29.20 -0.94
CA ALA C 239 -19.22 28.99 0.44
C ALA C 239 -18.11 27.95 0.44
N PHE C 240 -17.41 27.86 1.57
CA PHE C 240 -16.36 26.85 1.70
C PHE C 240 -16.18 26.48 3.16
N ALA C 241 -15.42 25.42 3.39
CA ALA C 241 -15.19 24.87 4.72
C ALA C 241 -13.71 24.66 4.95
N THR C 242 -13.26 24.94 6.17
CA THR C 242 -11.87 24.87 6.57
C THR C 242 -11.72 23.93 7.76
N GLY C 243 -10.63 23.19 7.79
CA GLY C 243 -10.28 22.41 8.97
C GLY C 243 -8.85 22.68 9.36
N SER C 244 -8.58 22.65 10.67
CA SER C 244 -7.28 23.04 11.18
C SER C 244 -6.83 22.10 12.29
N ASP C 245 -5.64 22.36 12.82
CA ASP C 245 -5.09 21.58 13.92
C ASP C 245 -5.77 21.86 15.25
N ASP C 246 -6.61 22.90 15.32
CA ASP C 246 -7.28 23.27 16.57
C ASP C 246 -8.56 22.46 16.82
N ALA C 247 -8.72 21.33 16.15
CA ALA C 247 -9.89 20.45 16.30
C ALA C 247 -11.20 21.20 16.01
N THR C 248 -11.18 22.04 14.99
CA THR C 248 -12.31 22.90 14.70
C THR C 248 -12.46 23.07 13.19
N CYS C 249 -13.66 22.82 12.68
CA CYS C 249 -14.01 23.13 11.31
C CYS C 249 -14.81 24.43 11.27
N ARG C 250 -14.73 25.13 10.16
CA ARG C 250 -15.43 26.41 10.05
C ARG C 250 -15.95 26.59 8.63
N LEU C 251 -17.24 26.88 8.52
CA LEU C 251 -17.88 27.15 7.24
C LEU C 251 -18.02 28.65 7.06
N PHE C 252 -17.41 29.17 5.99
CA PHE C 252 -17.42 30.56 5.59
C PHE C 252 -18.32 30.71 4.36
N ASP C 253 -18.94 31.89 4.23
CA ASP C 253 -19.69 32.26 3.04
C ASP C 253 -18.98 33.41 2.34
N LEU C 254 -18.88 33.32 1.01
CA LEU C 254 -18.03 34.24 0.27
C LEU C 254 -18.69 35.62 0.14
N ARG C 255 -20.01 35.65 -0.08
CA ARG C 255 -20.70 36.93 -0.23
C ARG C 255 -20.92 37.63 1.11
N ALA C 256 -21.15 36.86 2.18
CA ALA C 256 -21.26 37.47 3.51
C ALA C 256 -19.91 37.87 4.07
N ASP C 257 -18.82 37.33 3.53
CA ASP C 257 -17.45 37.73 3.84
C ASP C 257 -17.09 37.54 5.32
N GLN C 258 -17.71 36.56 5.98
CA GLN C 258 -17.34 36.21 7.34
C GLN C 258 -17.81 34.79 7.64
N GLU C 259 -17.35 34.27 8.77
CA GLU C 259 -17.64 32.91 9.15
C GLU C 259 -19.12 32.74 9.50
N LEU C 260 -19.70 31.64 9.01
CA LEU C 260 -21.10 31.33 9.32
C LEU C 260 -21.26 30.26 10.38
N MET C 261 -20.46 29.19 10.36
CA MET C 261 -20.63 28.17 11.38
C MET C 261 -19.28 27.60 11.82
N THR C 262 -19.22 27.17 13.07
CA THR C 262 -18.10 26.42 13.62
C THR C 262 -18.56 25.04 14.07
N TYR C 263 -17.75 24.02 13.73
CA TYR C 263 -17.99 22.63 14.10
C TYR C 263 -16.88 22.22 15.06
N SER C 264 -17.23 21.96 16.31
CA SER C 264 -16.25 21.55 17.31
C SER C 264 -16.96 20.76 18.40
N HIS C 265 -16.16 20.01 19.15
CA HIS C 265 -16.66 19.29 20.31
C HIS C 265 -15.55 19.23 21.35
N ASP C 266 -15.95 19.15 22.62
CA ASP C 266 -14.98 19.09 23.70
C ASP C 266 -14.23 17.76 23.71
N ASN C 267 -14.89 16.67 23.31
CA ASN C 267 -14.24 15.37 23.32
C ASN C 267 -13.22 15.23 22.19
N ILE C 268 -13.36 16.02 21.14
CA ILE C 268 -12.48 15.94 19.97
C ILE C 268 -11.32 16.90 20.19
N ILE C 269 -10.14 16.36 20.50
CA ILE C 269 -8.91 17.14 20.62
C ILE C 269 -7.87 16.44 19.74
N CYS C 270 -7.80 16.85 18.47
CA CYS C 270 -6.87 16.30 17.49
C CYS C 270 -6.93 17.17 16.24
N GLY C 271 -5.88 17.07 15.44
CA GLY C 271 -5.84 17.85 14.21
C GLY C 271 -6.79 17.30 13.16
N ILE C 272 -7.00 18.12 12.13
CA ILE C 272 -7.86 17.78 11.00
C ILE C 272 -7.00 17.72 9.75
N THR C 273 -7.09 16.60 9.03
CA THR C 273 -6.24 16.35 7.87
C THR C 273 -6.95 16.53 6.54
N SER C 274 -8.25 16.25 6.46
CA SER C 274 -8.97 16.32 5.20
C SER C 274 -10.43 16.65 5.46
N VAL C 275 -10.97 17.57 4.68
CA VAL C 275 -12.37 17.97 4.75
C VAL C 275 -12.96 17.92 3.34
N SER C 276 -14.12 17.31 3.20
CA SER C 276 -14.87 17.36 1.95
C SER C 276 -16.36 17.38 2.27
N PHE C 277 -17.15 17.79 1.28
CA PHE C 277 -18.60 17.86 1.40
C PHE C 277 -19.24 16.69 0.67
N SER C 278 -20.57 16.60 0.80
CA SER C 278 -21.36 15.64 0.05
C SER C 278 -21.96 16.33 -1.17
N LYS C 279 -22.76 15.57 -1.93
CA LYS C 279 -23.29 16.09 -3.19
C LYS C 279 -24.24 17.26 -2.98
N SER C 280 -25.12 17.15 -1.99
CA SER C 280 -26.11 18.19 -1.72
C SER C 280 -25.57 19.29 -0.81
N GLY C 281 -24.40 19.11 -0.22
CA GLY C 281 -23.86 20.07 0.71
C GLY C 281 -24.40 19.97 2.11
N ARG C 282 -25.32 19.03 2.36
CA ARG C 282 -25.87 18.88 3.71
C ARG C 282 -24.86 18.26 4.66
N LEU C 283 -23.95 17.45 4.14
CA LEU C 283 -23.12 16.59 4.97
C LEU C 283 -21.66 16.96 4.77
N LEU C 284 -20.94 17.17 5.88
CA LEU C 284 -19.52 17.49 5.87
C LEU C 284 -18.77 16.32 6.47
N LEU C 285 -17.67 15.93 5.85
CA LEU C 285 -16.87 14.80 6.31
C LEU C 285 -15.46 15.28 6.59
N ALA C 286 -14.97 15.04 7.81
CA ALA C 286 -13.67 15.53 8.23
C ALA C 286 -12.85 14.40 8.80
N GLY C 287 -11.63 14.24 8.29
CA GLY C 287 -10.71 13.26 8.82
C GLY C 287 -9.81 13.87 9.89
N TYR C 288 -9.57 13.11 10.95
CA TYR C 288 -8.85 13.62 12.11
C TYR C 288 -7.63 12.76 12.38
N ASP C 289 -6.81 13.22 13.34
CA ASP C 289 -5.62 12.49 13.77
C ASP C 289 -5.94 11.38 14.76
N ASP C 290 -7.19 11.24 15.19
CA ASP C 290 -7.57 10.25 16.19
C ASP C 290 -7.95 8.90 15.58
N PHE C 291 -7.37 8.58 14.42
CA PHE C 291 -7.42 7.29 13.73
C PHE C 291 -8.76 7.01 13.07
N ASN C 292 -9.68 7.98 13.02
CA ASN C 292 -10.95 7.77 12.35
C ASN C 292 -11.49 9.11 11.85
N CYS C 293 -12.62 9.05 11.16
CA CYS C 293 -13.25 10.18 10.51
C CYS C 293 -14.57 10.51 11.18
N ASN C 294 -14.99 11.76 11.06
CA ASN C 294 -16.25 12.21 11.62
C ASN C 294 -17.11 12.84 10.53
N VAL C 295 -18.41 12.83 10.77
CA VAL C 295 -19.41 13.23 9.81
C VAL C 295 -20.33 14.23 10.51
N TRP C 296 -20.19 15.50 10.17
CA TRP C 296 -20.97 16.60 10.70
C TRP C 296 -22.10 16.97 9.75
N ASP C 297 -23.13 17.59 10.31
CA ASP C 297 -24.21 18.15 9.51
C ASP C 297 -23.89 19.61 9.25
N ALA C 298 -23.90 20.01 7.98
CA ALA C 298 -23.40 21.33 7.62
C ALA C 298 -24.30 22.45 8.10
N LEU C 299 -25.61 22.21 8.17
CA LEU C 299 -26.55 23.25 8.58
C LEU C 299 -26.77 23.29 10.09
N LYS C 300 -26.24 22.33 10.83
CA LYS C 300 -26.33 22.35 12.28
C LYS C 300 -25.18 21.53 12.82
N ALA C 301 -24.27 22.16 13.56
CA ALA C 301 -23.00 21.54 13.96
C ALA C 301 -23.25 20.48 15.03
N ASP C 302 -23.76 19.33 14.58
CA ASP C 302 -23.96 18.16 15.42
C ASP C 302 -23.29 16.98 14.74
N ARG C 303 -22.47 16.25 15.48
CA ARG C 303 -21.70 15.14 14.92
C ARG C 303 -22.64 13.99 14.61
N ALA C 304 -23.03 13.87 13.35
CA ALA C 304 -24.02 12.87 12.96
C ALA C 304 -23.44 11.47 12.97
N GLY C 305 -22.18 11.31 12.56
CA GLY C 305 -21.64 9.97 12.46
C GLY C 305 -20.14 9.91 12.65
N VAL C 306 -19.65 8.68 12.84
CA VAL C 306 -18.23 8.40 12.98
C VAL C 306 -17.89 7.22 12.08
N LEU C 307 -16.93 7.43 11.18
CA LEU C 307 -16.43 6.38 10.30
C LEU C 307 -15.13 5.85 10.91
N ALA C 308 -15.17 4.63 11.45
CA ALA C 308 -14.05 4.07 12.17
C ALA C 308 -13.67 2.72 11.56
N GLY C 309 -12.38 2.38 11.69
CA GLY C 309 -11.88 1.15 11.10
C GLY C 309 -10.46 1.26 10.61
N HIS C 310 -9.89 2.46 10.62
CA HIS C 310 -8.50 2.66 10.22
C HIS C 310 -7.60 2.54 11.45
N ASP C 311 -6.52 1.77 11.31
CA ASP C 311 -5.61 1.52 12.41
C ASP C 311 -4.57 2.61 12.60
N ASN C 312 -4.56 3.63 11.73
CA ASN C 312 -3.63 4.74 11.84
C ASN C 312 -4.37 6.01 11.48
N ARG C 313 -3.64 7.13 11.43
CA ARG C 313 -4.25 8.43 11.17
C ARG C 313 -4.78 8.50 9.75
N VAL C 314 -6.04 8.91 9.60
CA VAL C 314 -6.62 9.08 8.28
C VAL C 314 -6.02 10.34 7.64
N SER C 315 -5.33 10.14 6.51
CA SER C 315 -4.57 11.21 5.88
C SER C 315 -5.32 11.90 4.77
N CYS C 316 -6.19 11.19 4.05
CA CYS C 316 -6.92 11.80 2.95
C CYS C 316 -8.31 11.18 2.87
N LEU C 317 -9.25 11.94 2.33
CA LEU C 317 -10.58 11.40 2.07
C LEU C 317 -11.23 12.19 0.95
N GLY C 318 -11.99 11.50 0.12
CA GLY C 318 -12.65 12.14 -0.99
C GLY C 318 -14.04 11.56 -1.22
N VAL C 319 -14.86 12.34 -1.89
CA VAL C 319 -16.25 11.98 -2.18
C VAL C 319 -16.42 11.95 -3.70
N THR C 320 -17.09 10.91 -4.18
CA THR C 320 -17.32 10.74 -5.60
C THR C 320 -18.24 11.84 -6.14
N ASP C 321 -18.18 12.04 -7.46
CA ASP C 321 -18.98 13.08 -8.10
C ASP C 321 -20.47 12.80 -7.96
N ASP C 322 -20.88 11.54 -8.13
CA ASP C 322 -22.27 11.18 -7.94
C ASP C 322 -22.65 11.03 -6.46
N GLY C 323 -21.67 11.02 -5.57
CA GLY C 323 -21.95 10.98 -4.14
C GLY C 323 -22.28 9.62 -3.59
N MET C 324 -21.99 8.54 -4.31
CA MET C 324 -22.34 7.20 -3.87
C MET C 324 -21.22 6.49 -3.12
N ALA C 325 -20.08 7.15 -2.89
CA ALA C 325 -18.98 6.50 -2.20
C ALA C 325 -18.08 7.56 -1.59
N VAL C 326 -17.53 7.24 -0.41
CA VAL C 326 -16.55 8.09 0.25
C VAL C 326 -15.32 7.25 0.53
N ALA C 327 -14.20 7.61 -0.07
CA ALA C 327 -12.99 6.79 0.04
C ALA C 327 -11.98 7.49 0.93
N THR C 328 -11.44 6.75 1.89
CA THR C 328 -10.52 7.25 2.89
C THR C 328 -9.21 6.49 2.79
N GLY C 329 -8.11 7.23 2.92
CA GLY C 329 -6.78 6.64 2.94
C GLY C 329 -6.03 7.09 4.17
N SER C 330 -5.44 6.13 4.88
CA SER C 330 -4.76 6.38 6.14
C SER C 330 -3.31 5.92 6.04
N TRP C 331 -2.61 6.01 7.17
CA TRP C 331 -1.19 5.67 7.22
C TRP C 331 -0.94 4.18 7.39
N ASP C 332 -1.99 3.36 7.49
CA ASP C 332 -1.86 1.92 7.61
C ASP C 332 -1.76 1.24 6.26
N SER C 333 -1.41 1.98 5.20
CA SER C 333 -1.23 1.47 3.84
C SER C 333 -2.52 0.86 3.28
N PHE C 334 -3.67 1.37 3.69
CA PHE C 334 -4.95 0.81 3.27
C PHE C 334 -5.90 1.91 2.83
N LEU C 335 -6.66 1.63 1.79
CA LEU C 335 -7.75 2.46 1.32
C LEU C 335 -9.08 1.77 1.61
N LYS C 336 -10.09 2.55 1.94
CA LYS C 336 -11.41 1.99 2.20
C LYS C 336 -12.47 2.84 1.54
N ILE C 337 -13.39 2.19 0.83
CA ILE C 337 -14.54 2.84 0.23
C ILE C 337 -15.74 2.60 1.14
N TRP C 338 -16.42 3.68 1.53
CA TRP C 338 -17.47 3.65 2.53
C TRP C 338 -18.78 4.07 1.87
N ASN C 339 -19.85 3.37 2.24
CA ASN C 339 -21.18 3.71 1.76
C ASN C 339 -22.25 3.24 2.76
N ALA D 12 4.61 48.13 2.45
CA ALA D 12 3.30 48.21 3.07
C ALA D 12 2.26 48.77 2.11
N ARG D 13 2.74 49.32 0.99
CA ARG D 13 1.83 49.87 -0.02
C ARG D 13 0.95 48.78 -0.62
N LYS D 14 1.53 47.63 -0.92
CA LYS D 14 0.74 46.51 -1.44
C LYS D 14 -0.26 46.03 -0.41
N LEU D 15 0.14 46.00 0.88
CA LEU D 15 -0.76 45.54 1.93
C LEU D 15 -1.94 46.49 2.08
N VAL D 16 -1.69 47.80 2.09
CA VAL D 16 -2.80 48.74 2.26
C VAL D 16 -3.66 48.78 1.00
N GLU D 17 -3.07 48.57 -0.19
CA GLU D 17 -3.89 48.48 -1.40
C GLU D 17 -4.79 47.26 -1.38
N GLN D 18 -4.26 46.11 -0.93
CA GLN D 18 -5.09 44.91 -0.82
C GLN D 18 -6.19 45.09 0.21
N LEU D 19 -5.87 45.72 1.34
CA LEU D 19 -6.88 45.97 2.37
C LEU D 19 -7.96 46.92 1.87
N LYS D 20 -7.57 47.95 1.10
CA LYS D 20 -8.55 48.88 0.54
C LYS D 20 -9.43 48.18 -0.49
N MET D 21 -8.86 47.29 -1.30
CA MET D 21 -9.66 46.56 -2.27
C MET D 21 -10.59 45.57 -1.58
N GLU D 22 -10.16 45.00 -0.45
CA GLU D 22 -11.02 44.07 0.28
C GLU D 22 -12.14 44.80 1.01
N ALA D 23 -11.88 46.02 1.51
CA ALA D 23 -12.90 46.77 2.22
C ALA D 23 -14.03 47.20 1.30
N ASN D 24 -13.70 47.65 0.09
CA ASN D 24 -14.70 48.12 -0.87
C ASN D 24 -15.23 46.93 -1.65
N ILE D 25 -16.06 46.13 -0.99
CA ILE D 25 -16.65 44.94 -1.57
C ILE D 25 -18.13 44.90 -1.19
N ASP D 26 -18.96 44.48 -2.14
CA ASP D 26 -20.40 44.37 -1.91
C ASP D 26 -20.68 43.12 -1.09
N ARG D 27 -21.17 43.31 0.14
CA ARG D 27 -21.44 42.22 1.07
C ARG D 27 -22.94 42.16 1.32
N ILE D 28 -23.54 41.00 1.05
CA ILE D 28 -24.96 40.81 1.28
C ILE D 28 -25.19 40.46 2.75
N LYS D 29 -26.45 40.46 3.16
CA LYS D 29 -26.82 40.08 4.52
C LYS D 29 -26.50 38.61 4.75
N VAL D 30 -26.12 38.30 6.00
CA VAL D 30 -25.76 36.93 6.37
C VAL D 30 -26.97 36.01 6.27
N SER D 31 -28.16 36.53 6.61
CA SER D 31 -29.37 35.73 6.53
C SER D 31 -29.66 35.32 5.09
N LYS D 32 -29.33 36.18 4.12
CA LYS D 32 -29.49 35.82 2.72
C LYS D 32 -28.58 34.65 2.34
N ALA D 33 -27.33 34.67 2.81
CA ALA D 33 -26.41 33.58 2.52
C ALA D 33 -26.86 32.28 3.17
N ALA D 34 -27.31 32.35 4.43
CA ALA D 34 -27.81 31.16 5.10
C ALA D 34 -29.04 30.58 4.40
N ALA D 35 -29.96 31.46 3.97
CA ALA D 35 -31.14 31.02 3.23
C ALA D 35 -30.76 30.41 1.90
N ASP D 36 -29.73 30.96 1.22
CA ASP D 36 -29.24 30.34 -0.01
C ASP D 36 -28.70 28.94 0.26
N LEU D 37 -27.99 28.76 1.37
CA LEU D 37 -27.49 27.42 1.72
C LEU D 37 -28.64 26.45 1.99
N MET D 38 -29.68 26.90 2.71
CA MET D 38 -30.84 26.03 2.91
C MET D 38 -31.53 25.70 1.59
N ALA D 39 -31.64 26.67 0.69
CA ALA D 39 -32.28 26.43 -0.60
C ALA D 39 -31.51 25.42 -1.42
N TYR D 40 -30.17 25.54 -1.44
CA TYR D 40 -29.36 24.59 -2.19
C TYR D 40 -29.42 23.19 -1.57
N CYS D 41 -29.40 23.11 -0.24
CA CYS D 41 -29.45 21.81 0.42
C CYS D 41 -30.80 21.13 0.19
N GLU D 42 -31.90 21.87 0.30
CA GLU D 42 -33.22 21.28 0.14
C GLU D 42 -33.54 20.98 -1.32
N ALA D 43 -32.98 21.74 -2.26
CA ALA D 43 -33.26 21.51 -3.67
C ALA D 43 -32.55 20.29 -4.23
N HIS D 44 -31.55 19.74 -3.52
CA HIS D 44 -30.79 18.60 -4.00
C HIS D 44 -30.69 17.50 -2.94
N ALA D 45 -31.55 17.52 -1.93
CA ALA D 45 -31.49 16.51 -0.87
C ALA D 45 -31.89 15.12 -1.38
N LYS D 46 -32.83 15.07 -2.33
CA LYS D 46 -33.24 13.79 -2.87
C LYS D 46 -32.17 13.15 -3.76
N GLU D 47 -31.22 13.94 -4.26
CA GLU D 47 -30.15 13.43 -5.09
C GLU D 47 -28.84 13.25 -4.32
N ASP D 48 -28.94 13.09 -3.00
CA ASP D 48 -27.77 12.85 -2.16
C ASP D 48 -27.84 11.43 -1.60
N PRO D 49 -27.06 10.50 -2.12
CA PRO D 49 -27.16 9.10 -1.68
C PRO D 49 -26.31 8.74 -0.46
N LEU D 50 -25.82 9.72 0.30
CA LEU D 50 -25.09 9.45 1.53
C LEU D 50 -25.93 9.69 2.77
N LEU D 51 -26.92 10.58 2.70
CA LEU D 51 -27.77 10.87 3.84
C LEU D 51 -29.08 10.08 3.76
N VAL E 2 4.71 1.46 -33.63
CA VAL E 2 4.23 0.11 -33.37
C VAL E 2 4.32 -0.72 -34.63
N GLN E 3 5.06 -1.82 -34.57
CA GLN E 3 5.23 -2.71 -35.71
C GLN E 3 5.18 -4.15 -35.24
N LEU E 4 4.41 -4.98 -35.95
CA LEU E 4 4.35 -6.42 -35.72
C LEU E 4 4.66 -7.09 -37.06
N VAL E 5 5.90 -7.52 -37.24
CA VAL E 5 6.36 -8.07 -38.52
C VAL E 5 6.42 -9.58 -38.39
N GLU E 6 5.68 -10.28 -39.23
CA GLU E 6 5.60 -11.73 -39.18
C GLU E 6 6.54 -12.35 -40.20
N SER E 7 7.13 -13.49 -39.84
CA SER E 7 8.05 -14.21 -40.69
C SER E 7 7.77 -15.70 -40.57
N GLY E 8 8.13 -16.43 -41.62
CA GLY E 8 7.82 -17.84 -41.72
C GLY E 8 6.94 -18.11 -42.92
N GLY E 9 6.22 -19.23 -42.91
CA GLY E 9 5.34 -19.54 -44.00
C GLY E 9 6.06 -20.11 -45.20
N GLY E 10 5.29 -20.31 -46.27
CA GLY E 10 5.80 -20.94 -47.46
C GLY E 10 5.04 -22.22 -47.79
N LEU E 11 5.64 -23.10 -48.59
CA LEU E 11 4.99 -24.32 -49.03
C LEU E 11 5.45 -25.49 -48.15
N VAL E 12 4.50 -26.15 -47.50
CA VAL E 12 4.77 -27.31 -46.65
C VAL E 12 3.89 -28.45 -47.12
N GLN E 13 4.49 -29.64 -47.24
CA GLN E 13 3.73 -30.83 -47.57
C GLN E 13 2.82 -31.22 -46.41
N PRO E 14 1.70 -31.90 -46.68
CA PRO E 14 0.82 -32.33 -45.60
C PRO E 14 1.52 -33.27 -44.63
N GLY E 15 1.22 -33.09 -43.34
CA GLY E 15 1.91 -33.81 -42.29
C GLY E 15 3.22 -33.21 -41.86
N GLY E 16 3.62 -32.08 -42.44
CA GLY E 16 4.88 -31.44 -42.10
C GLY E 16 4.77 -30.55 -40.88
N SER E 17 5.80 -29.72 -40.68
CA SER E 17 5.84 -28.81 -39.55
C SER E 17 6.48 -27.50 -40.00
N ARG E 18 6.15 -26.43 -39.29
CA ARG E 18 6.70 -25.11 -39.57
C ARG E 18 6.59 -24.27 -38.31
N LYS E 19 7.38 -23.21 -38.23
CA LYS E 19 7.32 -22.28 -37.10
C LYS E 19 7.17 -20.86 -37.62
N LEU E 20 6.11 -20.19 -37.19
CA LEU E 20 5.88 -18.80 -37.51
C LEU E 20 6.37 -17.92 -36.37
N SER E 21 7.08 -16.85 -36.70
CA SER E 21 7.56 -15.90 -35.72
C SER E 21 6.97 -14.53 -36.01
N CYS E 22 6.88 -13.70 -34.98
CA CYS E 22 6.44 -12.32 -35.14
C CYS E 22 7.25 -11.44 -34.22
N SER E 23 7.91 -10.44 -34.80
CA SER E 23 8.73 -9.50 -34.05
C SER E 23 7.94 -8.24 -33.77
N ALA E 24 7.92 -7.82 -32.52
CA ALA E 24 7.23 -6.62 -32.08
C ALA E 24 8.26 -5.52 -31.79
N SER E 25 8.02 -4.34 -32.34
CA SER E 25 8.94 -3.22 -32.19
C SER E 25 8.14 -1.94 -32.06
N GLY E 26 8.16 -1.32 -30.88
CA GLY E 26 7.56 -0.01 -30.72
C GLY E 26 6.59 0.12 -29.57
N PHE E 27 6.45 -0.92 -28.76
CA PHE E 27 5.53 -0.88 -27.64
C PHE E 27 5.98 -1.89 -26.60
N ALA E 28 5.38 -1.80 -25.41
CA ALA E 28 5.69 -2.70 -24.29
C ALA E 28 5.09 -4.06 -24.58
N PHE E 29 5.90 -4.95 -25.16
CA PHE E 29 5.40 -6.25 -25.60
C PHE E 29 4.98 -7.13 -24.42
N SER E 30 5.62 -6.98 -23.27
CA SER E 30 5.35 -7.87 -22.14
C SER E 30 3.99 -7.63 -21.51
N SER E 31 3.39 -6.46 -21.72
CA SER E 31 2.13 -6.11 -21.09
C SER E 31 0.92 -6.35 -22.00
N PHE E 32 1.12 -6.93 -23.17
CA PHE E 32 0.06 -7.15 -24.14
C PHE E 32 -0.20 -8.64 -24.30
N GLY E 33 -1.45 -9.05 -24.13
CA GLY E 33 -1.85 -10.36 -24.58
C GLY E 33 -1.82 -10.45 -26.09
N MET E 34 -1.47 -11.63 -26.61
CA MET E 34 -1.14 -11.71 -28.02
C MET E 34 -1.93 -12.85 -28.66
N HIS E 35 -2.56 -12.55 -29.80
CA HIS E 35 -3.44 -13.49 -30.49
C HIS E 35 -2.89 -13.82 -31.87
N TRP E 36 -3.17 -15.05 -32.30
CA TRP E 36 -2.94 -15.50 -33.67
C TRP E 36 -4.30 -15.70 -34.32
N VAL E 37 -4.54 -14.97 -35.41
CA VAL E 37 -5.77 -15.00 -36.19
C VAL E 37 -5.41 -15.40 -37.62
N ARG E 38 -6.39 -15.96 -38.34
CA ARG E 38 -6.16 -16.63 -39.61
C ARG E 38 -7.20 -16.21 -40.63
N GLN E 39 -6.79 -16.14 -41.90
CA GLN E 39 -7.72 -15.91 -43.02
C GLN E 39 -7.43 -16.91 -44.13
N ALA E 40 -8.45 -17.69 -44.49
CA ALA E 40 -8.38 -18.50 -45.69
C ALA E 40 -8.28 -17.59 -46.91
N PRO E 41 -7.70 -18.08 -48.02
CA PRO E 41 -7.37 -17.17 -49.15
C PRO E 41 -8.57 -16.44 -49.74
N GLU E 42 -9.76 -17.05 -49.76
CA GLU E 42 -10.94 -16.39 -50.29
C GLU E 42 -12.05 -16.30 -49.26
N LYS E 43 -11.74 -16.48 -47.98
CA LYS E 43 -12.76 -16.49 -46.94
C LYS E 43 -12.46 -15.48 -45.84
N GLY E 44 -13.22 -15.54 -44.76
CA GLY E 44 -13.14 -14.56 -43.70
C GLY E 44 -12.07 -14.86 -42.68
N LEU E 45 -12.27 -14.35 -41.48
CA LEU E 45 -11.30 -14.44 -40.40
C LEU E 45 -11.64 -15.60 -39.47
N GLU E 46 -10.61 -16.11 -38.81
CA GLU E 46 -10.78 -17.22 -37.88
C GLU E 46 -9.73 -17.14 -36.79
N TRP E 47 -10.18 -17.21 -35.54
CA TRP E 47 -9.26 -17.18 -34.40
C TRP E 47 -8.51 -18.50 -34.30
N VAL E 48 -7.23 -18.41 -33.93
CA VAL E 48 -6.41 -19.62 -33.79
C VAL E 48 -5.95 -19.78 -32.34
N ALA E 49 -5.26 -18.77 -31.80
CA ALA E 49 -4.68 -18.97 -30.48
C ALA E 49 -4.51 -17.66 -29.74
N TYR E 50 -4.34 -17.76 -28.42
CA TYR E 50 -4.11 -16.61 -27.56
C TYR E 50 -3.16 -16.97 -26.43
N ILE E 51 -2.23 -16.08 -26.14
CA ILE E 51 -1.31 -16.20 -25.03
C ILE E 51 -1.41 -14.94 -24.18
N SER E 52 -1.48 -15.12 -22.86
CA SER E 52 -1.68 -14.00 -21.95
C SER E 52 -0.36 -13.26 -21.73
N SER E 53 -0.47 -12.14 -20.99
CA SER E 53 0.72 -11.42 -20.56
C SER E 53 1.39 -12.18 -19.43
N GLY E 54 2.63 -12.60 -19.66
CA GLY E 54 3.30 -13.50 -18.73
C GLY E 54 3.02 -14.96 -18.96
N SER E 55 2.30 -15.30 -20.04
CA SER E 55 2.00 -16.69 -20.41
C SER E 55 1.22 -17.43 -19.32
N GLY E 56 0.43 -16.70 -18.54
CA GLY E 56 -0.36 -17.35 -17.50
C GLY E 56 -1.53 -18.14 -18.05
N THR E 57 -2.22 -17.61 -19.06
CA THR E 57 -3.39 -18.22 -19.65
C THR E 57 -3.11 -18.50 -21.13
N ILE E 58 -3.35 -19.74 -21.55
CA ILE E 58 -3.13 -20.16 -22.93
C ILE E 58 -4.47 -20.68 -23.45
N TYR E 59 -4.86 -20.23 -24.64
CA TYR E 59 -6.12 -20.70 -25.22
C TYR E 59 -5.92 -21.02 -26.69
N TYR E 60 -6.62 -22.05 -27.17
CA TYR E 60 -6.55 -22.48 -28.55
C TYR E 60 -7.94 -22.66 -29.14
N ALA E 61 -8.00 -22.63 -30.46
CA ALA E 61 -9.21 -23.00 -31.18
C ALA E 61 -9.33 -24.53 -31.20
N ASP E 62 -10.54 -25.00 -31.54
CA ASP E 62 -10.80 -26.44 -31.54
C ASP E 62 -10.06 -27.15 -32.66
N THR E 63 -9.93 -26.50 -33.81
CA THR E 63 -9.29 -27.15 -34.96
C THR E 63 -7.78 -27.29 -34.77
N VAL E 64 -7.15 -26.29 -34.15
CA VAL E 64 -5.70 -26.27 -34.02
C VAL E 64 -5.28 -26.91 -32.69
N LYS E 65 -6.24 -27.45 -31.96
CA LYS E 65 -5.94 -28.04 -30.66
C LYS E 65 -5.24 -29.38 -30.84
N GLY E 66 -4.13 -29.56 -30.12
CA GLY E 66 -3.33 -30.76 -30.24
C GLY E 66 -2.28 -30.73 -31.32
N ARG E 67 -2.29 -29.73 -32.19
CA ARG E 67 -1.30 -29.60 -33.25
C ARG E 67 -0.50 -28.31 -33.19
N PHE E 68 -1.05 -27.25 -32.61
CA PHE E 68 -0.45 -25.92 -32.64
C PHE E 68 0.02 -25.55 -31.25
N THR E 69 1.17 -24.88 -31.17
CA THR E 69 1.69 -24.40 -29.90
C THR E 69 1.97 -22.90 -30.02
N ILE E 70 1.49 -22.13 -29.06
CA ILE E 70 1.70 -20.69 -29.03
C ILE E 70 2.62 -20.36 -27.85
N SER E 71 3.58 -19.50 -28.08
CA SER E 71 4.55 -19.14 -27.04
C SER E 71 5.05 -17.73 -27.31
N ARG E 72 5.76 -17.17 -26.33
CA ARG E 72 6.32 -15.84 -26.47
C ARG E 72 7.68 -15.79 -25.78
N ASP E 73 8.56 -14.96 -26.34
CA ASP E 73 9.85 -14.61 -25.73
C ASP E 73 9.80 -13.10 -25.48
N ASP E 74 9.47 -12.73 -24.25
CA ASP E 74 9.39 -11.32 -23.88
C ASP E 74 10.73 -10.58 -23.98
N PRO E 75 11.85 -11.10 -23.45
CA PRO E 75 13.13 -10.40 -23.69
C PRO E 75 13.51 -10.32 -25.16
N LYS E 76 13.13 -11.31 -25.96
CA LYS E 76 13.38 -11.27 -27.40
C LYS E 76 12.30 -10.51 -28.16
N ASN E 77 11.23 -10.09 -27.47
CA ASN E 77 10.12 -9.35 -28.09
C ASN E 77 9.52 -10.10 -29.26
N THR E 78 9.30 -11.40 -29.11
CA THR E 78 8.88 -12.23 -30.23
C THR E 78 7.75 -13.15 -29.81
N LEU E 79 6.86 -13.44 -30.77
CA LEU E 79 5.78 -14.40 -30.59
C LEU E 79 5.99 -15.57 -31.55
N PHE E 80 5.66 -16.77 -31.10
CA PHE E 80 5.93 -17.99 -31.86
C PHE E 80 4.67 -18.85 -31.95
N LEU E 81 4.47 -19.45 -33.11
CA LEU E 81 3.45 -20.47 -33.33
C LEU E 81 4.11 -21.65 -34.04
N GLN E 82 4.20 -22.78 -33.35
CA GLN E 82 4.77 -24.00 -33.89
C GLN E 82 3.64 -24.90 -34.37
N MET E 83 3.67 -25.26 -35.65
CA MET E 83 2.61 -26.01 -36.31
C MET E 83 3.14 -27.38 -36.69
N THR E 84 2.48 -28.42 -36.21
CA THR E 84 2.81 -29.80 -36.54
C THR E 84 1.58 -30.49 -37.10
N SER E 85 1.82 -31.44 -38.01
CA SER E 85 0.78 -32.24 -38.66
C SER E 85 -0.24 -31.36 -39.37
N LEU E 86 0.27 -30.61 -40.35
CA LEU E 86 -0.57 -29.68 -41.10
C LEU E 86 -1.47 -30.43 -42.07
N ARG E 87 -2.71 -29.96 -42.22
CA ARG E 87 -3.62 -30.44 -43.24
C ARG E 87 -3.73 -29.43 -44.36
N SER E 88 -4.50 -29.79 -45.39
CA SER E 88 -4.73 -28.89 -46.52
C SER E 88 -5.76 -27.81 -46.22
N GLU E 89 -6.39 -27.84 -45.05
CA GLU E 89 -7.31 -26.79 -44.63
C GLU E 89 -6.62 -25.67 -43.85
N ASP E 90 -5.30 -25.73 -43.72
CA ASP E 90 -4.53 -24.70 -43.02
C ASP E 90 -3.83 -23.73 -43.96
N THR E 91 -4.10 -23.82 -45.27
CA THR E 91 -3.51 -22.92 -46.24
C THR E 91 -4.15 -21.54 -46.07
N ALA E 92 -3.42 -20.60 -45.46
CA ALA E 92 -4.05 -19.36 -45.04
C ALA E 92 -2.99 -18.32 -44.73
N MET E 93 -3.44 -17.09 -44.51
CA MET E 93 -2.60 -15.98 -44.09
C MET E 93 -2.79 -15.73 -42.61
N TYR E 94 -1.69 -15.63 -41.88
CA TYR E 94 -1.68 -15.56 -40.44
C TYR E 94 -1.33 -14.15 -39.99
N TYR E 95 -2.20 -13.55 -39.18
CA TYR E 95 -1.98 -12.26 -38.56
C TYR E 95 -1.74 -12.42 -37.06
N CYS E 96 -0.90 -11.55 -36.53
CA CYS E 96 -0.60 -11.51 -35.11
C CYS E 96 -1.12 -10.19 -34.54
N VAL E 97 -1.93 -10.29 -33.48
CA VAL E 97 -2.69 -9.16 -32.95
C VAL E 97 -2.29 -8.94 -31.49
N ARG E 98 -2.20 -7.68 -31.09
CA ARG E 98 -1.99 -7.32 -29.70
C ARG E 98 -3.31 -6.92 -29.05
N SER E 99 -3.41 -7.14 -27.74
CA SER E 99 -4.63 -6.82 -27.00
C SER E 99 -4.29 -6.67 -25.53
N ILE E 100 -4.44 -5.47 -25.00
CA ILE E 100 -4.28 -5.20 -23.57
C ILE E 100 -5.67 -5.13 -22.97
N TYR E 101 -5.82 -5.62 -21.74
CA TYR E 101 -7.13 -5.90 -21.17
C TYR E 101 -7.35 -5.14 -19.88
N TYR E 102 -8.28 -4.18 -19.93
CA TYR E 102 -8.92 -3.57 -18.78
C TYR E 102 -10.13 -2.78 -19.30
N TYR E 103 -11.10 -2.56 -18.42
CA TYR E 103 -12.25 -1.71 -18.68
C TYR E 103 -11.84 -0.32 -19.17
N GLY E 104 -12.11 -0.02 -20.43
CA GLY E 104 -11.66 1.22 -21.04
C GLY E 104 -10.43 1.09 -21.90
N SER E 105 -9.83 -0.10 -21.97
CA SER E 105 -8.72 -0.32 -22.88
C SER E 105 -9.25 -0.61 -24.28
N SER E 106 -8.34 -0.85 -25.21
CA SER E 106 -8.68 -1.08 -26.61
C SER E 106 -8.02 -2.38 -27.08
N PRO E 107 -8.64 -3.53 -26.81
CA PRO E 107 -8.11 -4.78 -27.33
C PRO E 107 -8.24 -4.87 -28.84
N PHE E 108 -7.36 -5.67 -29.43
CA PHE E 108 -7.32 -5.92 -30.88
C PHE E 108 -7.14 -4.62 -31.67
N ASP E 109 -6.33 -3.71 -31.14
CA ASP E 109 -6.18 -2.39 -31.72
C ASP E 109 -5.08 -2.29 -32.77
N PHE E 110 -4.15 -3.22 -32.80
CA PHE E 110 -3.13 -3.24 -33.83
C PHE E 110 -2.96 -4.66 -34.37
N TRP E 111 -2.82 -4.76 -35.68
CA TRP E 111 -2.70 -6.04 -36.37
C TRP E 111 -1.42 -6.06 -37.19
N GLY E 112 -0.87 -7.25 -37.39
CA GLY E 112 0.32 -7.43 -38.18
C GLY E 112 0.02 -7.59 -39.65
N GLN E 113 1.09 -7.69 -40.45
CA GLN E 113 0.93 -7.84 -41.89
C GLN E 113 0.51 -9.26 -42.28
N GLY E 114 1.05 -10.27 -41.60
CA GLY E 114 0.66 -11.64 -41.82
C GLY E 114 1.58 -12.37 -42.79
N THR E 115 1.60 -13.69 -42.67
CA THR E 115 2.41 -14.54 -43.53
C THR E 115 1.55 -15.63 -44.14
N THR E 116 1.91 -16.04 -45.36
CA THR E 116 1.13 -17.00 -46.14
C THR E 116 1.71 -18.40 -45.95
N LEU E 117 0.84 -19.35 -45.63
CA LEU E 117 1.18 -20.76 -45.55
C LEU E 117 0.36 -21.52 -46.57
N THR E 118 1.04 -22.31 -47.41
CA THR E 118 0.38 -23.12 -48.42
C THR E 118 0.73 -24.58 -48.17
N VAL E 119 -0.29 -25.44 -48.26
CA VAL E 119 -0.15 -26.88 -48.10
C VAL E 119 -0.68 -27.54 -49.36
N SER E 120 0.15 -28.41 -49.96
CA SER E 120 -0.21 -29.03 -51.22
C SER E 120 -1.30 -30.08 -51.02
N SER E 121 -1.89 -30.50 -52.14
CA SER E 121 -2.95 -31.51 -52.18
C SER E 121 -4.15 -31.13 -51.32
N SER E 136 -22.10 -23.92 -26.85
CA SER E 136 -20.96 -24.26 -27.70
C SER E 136 -20.18 -23.01 -28.11
N ASP E 137 -20.36 -22.58 -29.34
CA ASP E 137 -19.68 -21.41 -29.88
C ASP E 137 -20.72 -20.40 -30.37
N ILE E 138 -20.46 -19.13 -30.09
CA ILE E 138 -21.36 -18.06 -30.51
C ILE E 138 -21.16 -17.82 -32.00
N VAL E 139 -22.22 -17.94 -32.77
CA VAL E 139 -22.16 -17.77 -34.22
C VAL E 139 -22.49 -16.31 -34.54
N MET E 140 -21.58 -15.65 -35.23
CA MET E 140 -21.76 -14.25 -35.62
C MET E 140 -22.15 -14.22 -37.09
N THR E 141 -23.34 -13.70 -37.36
CA THR E 141 -23.93 -13.78 -38.69
C THR E 141 -24.08 -12.37 -39.28
N GLN E 142 -23.59 -12.20 -40.50
CA GLN E 142 -23.79 -10.97 -41.27
C GLN E 142 -24.40 -11.40 -42.60
N ALA E 143 -25.75 -11.37 -42.68
CA ALA E 143 -26.44 -11.87 -43.86
C ALA E 143 -26.14 -11.01 -45.09
N THR E 144 -26.05 -9.70 -44.91
CA THR E 144 -25.76 -8.81 -46.03
C THR E 144 -24.31 -8.98 -46.47
N SER E 145 -24.08 -8.86 -47.77
CA SER E 145 -22.75 -8.92 -48.34
C SER E 145 -22.77 -8.30 -49.73
N SER E 146 -21.69 -7.61 -50.08
CA SER E 146 -21.51 -6.95 -51.37
C SER E 146 -22.63 -5.95 -51.66
N VAL E 147 -22.70 -4.93 -50.81
CA VAL E 147 -23.71 -3.88 -50.96
C VAL E 147 -23.08 -2.66 -51.62
N PRO E 148 -23.76 -2.02 -52.57
CA PRO E 148 -23.19 -0.86 -53.25
C PRO E 148 -23.25 0.39 -52.39
N VAL E 149 -22.27 1.29 -52.61
CA VAL E 149 -22.20 2.54 -51.90
C VAL E 149 -21.96 3.67 -52.89
N THR E 150 -22.28 4.89 -52.45
CA THR E 150 -22.07 6.10 -53.23
C THR E 150 -21.36 7.09 -52.31
N PRO E 151 -20.29 7.75 -52.79
CA PRO E 151 -19.54 8.67 -51.91
C PRO E 151 -20.39 9.81 -51.40
N GLY E 152 -20.18 10.16 -50.13
CA GLY E 152 -20.95 11.18 -49.46
C GLY E 152 -22.24 10.71 -48.83
N GLU E 153 -22.59 9.43 -48.97
CA GLU E 153 -23.85 8.92 -48.43
C GLU E 153 -23.62 8.34 -47.04
N SER E 154 -24.66 7.71 -46.48
CA SER E 154 -24.59 7.07 -45.17
C SER E 154 -24.85 5.59 -45.32
N VAL E 155 -23.99 4.76 -44.72
CA VAL E 155 -24.03 3.31 -44.87
C VAL E 155 -24.27 2.69 -43.50
N SER E 156 -25.23 1.78 -43.43
CA SER E 156 -25.51 1.02 -42.22
C SER E 156 -25.20 -0.45 -42.46
N ILE E 157 -24.42 -1.04 -41.56
CA ILE E 157 -24.01 -2.43 -41.64
C ILE E 157 -24.58 -3.17 -40.44
N SER E 158 -25.29 -4.27 -40.71
CA SER E 158 -25.96 -5.03 -39.67
C SER E 158 -25.10 -6.19 -39.21
N CYS E 159 -25.37 -6.66 -38.00
CA CYS E 159 -24.62 -7.76 -37.41
C CYS E 159 -25.53 -8.47 -36.42
N ARG E 160 -25.49 -9.80 -36.44
CA ARG E 160 -26.38 -10.61 -35.62
C ARG E 160 -25.56 -11.64 -34.85
N SER E 161 -26.11 -12.10 -33.73
CA SER E 161 -25.43 -13.06 -32.88
C SER E 161 -26.34 -14.24 -32.55
N SER E 162 -25.91 -15.10 -31.64
CA SER E 162 -26.73 -16.19 -31.14
C SER E 162 -26.98 -16.11 -29.64
N LYS E 163 -26.08 -15.46 -28.90
CA LYS E 163 -26.26 -15.21 -27.47
C LYS E 163 -26.11 -13.71 -27.25
N SER E 164 -26.85 -13.19 -26.27
CA SER E 164 -26.76 -11.77 -25.95
C SER E 164 -25.39 -11.44 -25.41
N LEU E 165 -24.75 -10.42 -25.99
CA LEU E 165 -23.40 -10.03 -25.64
C LEU E 165 -23.34 -8.98 -24.54
N LEU E 166 -24.49 -8.61 -23.97
CA LEU E 166 -24.53 -7.64 -22.88
C LEU E 166 -24.29 -8.37 -21.57
N HIS E 167 -23.16 -8.09 -20.93
CA HIS E 167 -22.81 -8.72 -19.67
C HIS E 167 -23.50 -8.02 -18.51
N SER E 168 -23.36 -8.60 -17.32
CA SER E 168 -24.00 -8.06 -16.14
C SER E 168 -23.34 -6.78 -15.63
N ASN E 169 -22.13 -6.49 -16.09
CA ASN E 169 -21.42 -5.27 -15.69
C ASN E 169 -21.69 -4.11 -16.63
N GLY E 170 -22.62 -4.25 -17.56
CA GLY E 170 -22.95 -3.20 -18.50
C GLY E 170 -22.12 -3.16 -19.76
N ASN E 171 -21.13 -4.05 -19.88
CA ASN E 171 -20.25 -4.07 -21.04
C ASN E 171 -20.84 -4.97 -22.12
N THR E 172 -20.89 -4.45 -23.34
CA THR E 172 -21.36 -5.19 -24.51
C THR E 172 -20.19 -5.44 -25.45
N TYR E 173 -19.85 -6.71 -25.66
CA TYR E 173 -18.58 -7.10 -26.27
C TYR E 173 -18.78 -7.37 -27.76
N LEU E 174 -18.90 -6.30 -28.53
CA LEU E 174 -18.88 -6.37 -29.98
C LEU E 174 -17.76 -5.49 -30.51
N TYR E 175 -16.92 -6.06 -31.35
CA TYR E 175 -15.78 -5.36 -31.95
C TYR E 175 -15.98 -5.28 -33.45
N TRP E 176 -15.65 -4.13 -34.03
CA TRP E 176 -15.76 -3.87 -35.46
C TRP E 176 -14.37 -3.71 -36.06
N PHE E 177 -14.14 -4.34 -37.21
CA PHE E 177 -12.87 -4.27 -37.90
C PHE E 177 -13.08 -3.97 -39.37
N LEU E 178 -12.06 -3.37 -39.99
CA LEU E 178 -12.13 -2.97 -41.41
C LEU E 178 -10.91 -3.53 -42.13
N GLN E 179 -11.15 -4.49 -43.03
CA GLN E 179 -10.13 -5.04 -43.91
C GLN E 179 -10.21 -4.31 -45.24
N ARG E 180 -9.28 -3.39 -45.46
CA ARG E 180 -9.18 -2.73 -46.75
C ARG E 180 -8.59 -3.70 -47.78
N PRO E 181 -8.78 -3.43 -49.07
CA PRO E 181 -8.20 -4.32 -50.10
C PRO E 181 -6.68 -4.37 -50.02
N GLY E 182 -6.17 -5.55 -49.72
CA GLY E 182 -4.74 -5.76 -49.64
C GLY E 182 -4.08 -5.20 -48.40
N GLN E 183 -4.85 -4.94 -47.35
CA GLN E 183 -4.33 -4.33 -46.13
C GLN E 183 -4.82 -5.09 -44.91
N SER E 184 -4.03 -5.01 -43.85
CA SER E 184 -4.36 -5.68 -42.60
C SER E 184 -5.59 -5.02 -41.95
N PRO E 185 -6.40 -5.78 -41.22
CA PRO E 185 -7.58 -5.20 -40.58
C PRO E 185 -7.23 -4.13 -39.55
N GLN E 186 -8.06 -3.10 -39.50
CA GLN E 186 -7.98 -2.05 -38.51
C GLN E 186 -9.03 -2.29 -37.43
N LEU E 187 -9.03 -1.45 -36.40
CA LEU E 187 -10.07 -1.46 -35.38
C LEU E 187 -10.78 -0.11 -35.38
N LEU E 188 -12.11 -0.14 -35.48
CA LEU E 188 -12.92 1.07 -35.46
C LEU E 188 -13.63 1.26 -34.13
N ILE E 189 -14.33 0.23 -33.67
CA ILE E 189 -15.11 0.27 -32.43
C ILE E 189 -14.79 -0.99 -31.63
N TYR E 190 -14.42 -0.82 -30.35
CA TYR E 190 -14.07 -1.97 -29.53
C TYR E 190 -15.22 -2.44 -28.64
N ARG E 191 -15.86 -1.54 -27.91
CA ARG E 191 -17.18 -1.76 -27.35
C ARG E 191 -18.07 -0.70 -27.98
N MET E 192 -19.35 -1.00 -28.19
CA MET E 192 -20.18 -0.09 -28.99
C MET E 192 -20.27 1.28 -28.34
N SER E 193 -20.30 2.31 -29.19
CA SER E 193 -20.20 3.72 -28.85
C SER E 193 -18.87 4.08 -28.21
N ASN E 194 -17.84 3.27 -28.42
CA ASN E 194 -16.46 3.61 -28.06
C ASN E 194 -15.63 3.57 -29.34
N LEU E 195 -15.15 4.73 -29.77
CA LEU E 195 -14.48 4.89 -31.05
C LEU E 195 -12.98 4.79 -30.85
N ALA E 196 -12.33 3.98 -31.68
CA ALA E 196 -10.90 3.73 -31.52
C ALA E 196 -10.08 4.95 -31.92
N SER E 197 -8.85 4.99 -31.43
CA SER E 197 -7.95 6.09 -31.73
C SER E 197 -7.54 6.07 -33.20
N GLY E 198 -7.41 7.27 -33.78
CA GLY E 198 -7.04 7.38 -35.17
C GLY E 198 -8.18 7.20 -36.16
N VAL E 199 -9.40 7.09 -35.67
CA VAL E 199 -10.57 6.86 -36.51
C VAL E 199 -11.37 8.15 -36.58
N PRO E 200 -11.77 8.61 -37.77
CA PRO E 200 -12.58 9.83 -37.85
C PRO E 200 -13.95 9.65 -37.22
N ASP E 201 -14.51 10.76 -36.75
CA ASP E 201 -15.76 10.73 -36.00
C ASP E 201 -16.98 10.67 -36.91
N ARG E 202 -17.00 9.70 -37.83
CA ARG E 202 -18.17 9.40 -38.63
C ARG E 202 -18.64 7.96 -38.44
N PHE E 203 -17.90 7.15 -37.69
CA PHE E 203 -18.27 5.78 -37.39
C PHE E 203 -18.96 5.74 -36.03
N SER E 204 -20.14 5.12 -35.99
CA SER E 204 -20.89 4.98 -34.75
C SER E 204 -21.41 3.56 -34.64
N GLY E 205 -21.56 3.08 -33.42
CA GLY E 205 -22.02 1.72 -33.18
C GLY E 205 -23.14 1.68 -32.16
N SER E 206 -24.17 0.91 -32.48
CA SER E 206 -25.33 0.85 -31.60
C SER E 206 -26.02 -0.50 -31.73
N GLY E 207 -26.42 -1.07 -30.61
CA GLY E 207 -27.14 -2.33 -30.64
C GLY E 207 -27.40 -2.83 -29.24
N SER E 208 -27.99 -4.01 -29.19
CA SER E 208 -28.30 -4.66 -27.92
C SER E 208 -28.52 -6.14 -28.16
N GLY E 209 -28.04 -6.96 -27.22
CA GLY E 209 -28.31 -8.39 -27.24
C GLY E 209 -27.82 -9.08 -28.49
N THR E 210 -28.77 -9.42 -29.36
CA THR E 210 -28.48 -10.09 -30.62
C THR E 210 -28.17 -9.10 -31.75
N ALA E 211 -28.84 -7.95 -31.77
CA ALA E 211 -28.79 -7.05 -32.92
C ALA E 211 -27.71 -6.00 -32.74
N PHE E 212 -27.01 -5.67 -33.84
CA PHE E 212 -25.92 -4.72 -33.80
C PHE E 212 -25.86 -3.96 -35.11
N THR E 213 -25.50 -2.68 -35.05
CA THR E 213 -25.41 -1.83 -36.23
C THR E 213 -24.17 -0.95 -36.17
N LEU E 214 -23.54 -0.78 -37.33
CA LEU E 214 -22.47 0.18 -37.55
C LEU E 214 -22.94 1.21 -38.57
N THR E 215 -22.69 2.48 -38.29
CA THR E 215 -23.16 3.58 -39.12
C THR E 215 -21.97 4.43 -39.56
N ILE E 216 -21.88 4.67 -40.87
CA ILE E 216 -20.94 5.61 -41.46
C ILE E 216 -21.77 6.78 -42.00
N SER E 217 -21.55 7.97 -41.44
CA SER E 217 -22.38 9.12 -41.79
C SER E 217 -22.08 9.64 -43.19
N ARG E 218 -20.79 9.77 -43.52
CA ARG E 218 -20.39 10.31 -44.83
C ARG E 218 -19.08 9.62 -45.23
N LEU E 219 -19.22 8.54 -45.99
CA LEU E 219 -18.04 7.75 -46.34
C LEU E 219 -17.23 8.45 -47.43
N GLU E 220 -15.95 8.11 -47.49
CA GLU E 220 -15.01 8.66 -48.46
C GLU E 220 -14.39 7.51 -49.25
N ALA E 221 -13.41 7.86 -50.08
CA ALA E 221 -12.74 6.85 -50.89
C ALA E 221 -11.81 5.96 -50.07
N GLU E 222 -11.45 6.38 -48.86
CA GLU E 222 -10.59 5.59 -47.99
C GLU E 222 -11.38 4.68 -47.05
N ASP E 223 -12.69 4.61 -47.20
CA ASP E 223 -13.55 3.79 -46.36
C ASP E 223 -14.24 2.69 -47.17
N VAL E 224 -13.48 2.04 -48.05
CA VAL E 224 -13.97 0.92 -48.86
C VAL E 224 -13.24 -0.33 -48.41
N GLY E 225 -13.99 -1.39 -48.14
CA GLY E 225 -13.39 -2.63 -47.66
C GLY E 225 -14.45 -3.57 -47.13
N VAL E 226 -14.02 -4.47 -46.25
CA VAL E 226 -14.88 -5.50 -45.69
C VAL E 226 -14.93 -5.29 -44.18
N TYR E 227 -16.15 -5.28 -43.62
CA TYR E 227 -16.37 -4.96 -42.22
C TYR E 227 -16.68 -6.24 -41.45
N TYR E 228 -15.88 -6.52 -40.43
CA TYR E 228 -15.96 -7.77 -39.68
C TYR E 228 -16.42 -7.52 -38.25
N CYS E 229 -17.25 -8.42 -37.75
CA CYS E 229 -17.70 -8.45 -36.36
C CYS E 229 -16.81 -9.38 -35.55
N MET E 230 -16.77 -9.14 -34.25
CA MET E 230 -16.13 -10.07 -33.33
C MET E 230 -16.83 -10.00 -31.99
N GLN E 231 -17.02 -11.15 -31.36
CA GLN E 231 -17.50 -11.23 -29.99
C GLN E 231 -16.35 -11.57 -29.07
N HIS E 232 -16.30 -10.88 -27.92
CA HIS E 232 -15.29 -11.13 -26.90
C HIS E 232 -15.91 -11.55 -25.58
N LEU E 233 -17.16 -12.01 -25.61
CA LEU E 233 -17.81 -12.46 -24.39
C LEU E 233 -17.18 -13.74 -23.87
N GLU E 234 -16.95 -14.71 -24.75
CA GLU E 234 -16.35 -15.97 -24.36
C GLU E 234 -15.57 -16.54 -25.53
N TYR E 235 -14.57 -17.35 -25.21
CA TYR E 235 -13.76 -18.01 -26.22
C TYR E 235 -14.58 -19.10 -26.90
N PRO E 236 -14.23 -19.47 -28.15
CA PRO E 236 -13.05 -19.18 -28.98
C PRO E 236 -13.15 -17.99 -29.94
N LEU E 237 -13.75 -16.87 -29.52
CA LEU E 237 -13.65 -15.58 -30.19
C LEU E 237 -14.00 -15.66 -31.68
N THR E 238 -15.25 -16.01 -31.96
CA THR E 238 -15.69 -16.22 -33.32
C THR E 238 -15.97 -14.89 -34.02
N PHE E 239 -15.55 -14.81 -35.29
CA PHE E 239 -15.80 -13.65 -36.13
C PHE E 239 -17.09 -13.87 -36.93
N GLY E 240 -17.36 -12.97 -37.87
CA GLY E 240 -18.44 -13.17 -38.81
C GLY E 240 -17.96 -12.88 -40.23
N ALA E 241 -18.65 -13.50 -41.19
CA ALA E 241 -18.34 -13.26 -42.59
C ALA E 241 -18.73 -11.83 -42.95
N GLY E 242 -17.75 -11.05 -43.41
CA GLY E 242 -17.91 -9.62 -43.47
C GLY E 242 -18.81 -9.14 -44.59
N THR E 243 -19.12 -7.84 -44.53
CA THR E 243 -19.87 -7.15 -45.57
C THR E 243 -18.90 -6.32 -46.39
N LYS E 244 -18.89 -6.54 -47.70
CA LYS E 244 -18.00 -5.85 -48.61
C LYS E 244 -18.68 -4.62 -49.20
N LEU E 245 -18.02 -3.47 -49.12
CA LEU E 245 -18.52 -2.24 -49.70
C LEU E 245 -17.89 -2.06 -51.08
N GLU E 246 -18.73 -1.72 -52.07
CA GLU E 246 -18.29 -1.59 -53.45
C GLU E 246 -18.82 -0.29 -54.01
N LEU E 247 -17.94 0.47 -54.67
CA LEU E 247 -18.32 1.74 -55.28
C LEU E 247 -19.17 1.51 -56.53
#